data_7C39
#
_entry.id   7C39
#
_cell.length_a   75.832
_cell.length_b   77.103
_cell.length_c   136.841
_cell.angle_alpha   90.000
_cell.angle_beta   90.000
_cell.angle_gamma   90.000
#
_symmetry.space_group_name_H-M   'P 21 21 21'
#
loop_
_entity.id
_entity.type
_entity.pdbx_description
1 polymer AoflcA
2 non-polymer 'CITRIC ACID'
3 non-polymer 'methyl alpha-L-fucopyranoside'
4 non-polymer GLYCEROL
5 water water
#
_entity_poly.entity_id   1
_entity_poly.type   'polypeptide(L)'
_entity_poly.pdbx_seq_one_letter_code
;MAPVEFPKSLRASSHSSEGGTTKEEDIYGYELLYRSAFASYIAPTGAWNLVWFQAADGSIKQARWYGEWVISTVLAPGKA
LQGTPLTALLWGPQDTVRLYYLSPQFELQEWCWDTKNGADNKYDGALNAAKVKVAPYSKLGAVSFGGANLRVYYQGTNNK
LEEYTFGGGQGWKKGATLPGDPLPGTYISFVNRNKWDANPPSIRGYFQTVTGSLAEQVWETGGWRIGQFVIPAAPFLTPI
SATVSPEKDFPKIHVYWLSVESTIIESVNWHGWKAPKQIDNISVVKADISATSFTRDDGTVDVRIYGTAQLNVLFERIFR
YGVWEEKIHSISVGKEIPIEVVGVAAALEHHHHHH
;
_entity_poly.pdbx_strand_id   A,B
#
# COMPACT_ATOMS: atom_id res chain seq x y z
N PRO A 3 -14.48 -11.73 13.81
CA PRO A 3 -13.01 -11.72 13.77
C PRO A 3 -12.49 -11.37 12.39
N VAL A 4 -11.19 -11.08 12.26
CA VAL A 4 -10.56 -10.97 10.96
C VAL A 4 -9.97 -12.33 10.61
N GLU A 5 -9.99 -12.66 9.32
CA GLU A 5 -9.49 -13.94 8.81
C GLU A 5 -8.04 -13.81 8.41
N PHE A 6 -7.25 -14.83 8.77
CA PHE A 6 -5.81 -14.86 8.51
C PHE A 6 -5.45 -16.27 8.04
N PRO A 7 -4.50 -16.40 7.12
CA PRO A 7 -4.17 -17.74 6.61
C PRO A 7 -3.76 -18.67 7.73
N LYS A 8 -4.42 -19.84 7.76
CA LYS A 8 -4.28 -20.75 8.89
C LYS A 8 -2.86 -21.25 9.06
N SER A 9 -2.12 -21.40 7.96
CA SER A 9 -0.77 -21.97 8.03
C SER A 9 0.29 -20.95 8.42
N LEU A 10 -0.06 -19.68 8.58
CA LEU A 10 0.89 -18.66 8.98
C LEU A 10 0.67 -18.26 10.43
N ARG A 11 1.74 -17.82 11.08
CA ARG A 11 1.69 -17.32 12.46
C ARG A 11 1.66 -15.80 12.44
N ALA A 12 0.65 -15.22 13.09
CA ALA A 12 0.49 -13.77 13.08
C ALA A 12 1.29 -13.06 14.16
N SER A 13 1.71 -13.78 15.21
CA SER A 13 2.42 -13.17 16.33
C SER A 13 3.15 -14.27 17.07
N SER A 14 3.98 -13.86 18.04
CA SER A 14 4.73 -14.84 18.82
C SER A 14 3.85 -15.63 19.77
N HIS A 15 2.63 -15.18 20.04
CA HIS A 15 1.71 -15.99 20.83
C HIS A 15 0.78 -16.84 19.95
N SER A 16 1.01 -16.87 18.64
CA SER A 16 0.27 -17.78 17.79
C SER A 16 0.66 -19.22 18.13
N SER A 17 -0.25 -20.14 17.81
CA SER A 17 0.06 -21.54 18.06
C SER A 17 1.17 -22.00 17.14
N GLU A 18 1.74 -23.16 17.47
CA GLU A 18 3.00 -23.59 16.85
C GLU A 18 2.83 -23.87 15.37
N GLY A 19 1.69 -24.42 14.96
CA GLY A 19 1.47 -24.75 13.57
C GLY A 19 0.83 -23.68 12.72
N GLY A 20 0.57 -22.50 13.28
CA GLY A 20 -0.09 -21.44 12.57
C GLY A 20 -1.03 -20.69 13.49
N THR A 21 -1.95 -19.95 12.91
CA THR A 21 -2.90 -19.16 13.68
C THR A 21 -4.19 -19.95 13.88
N THR A 22 -4.66 -20.00 15.12
CA THR A 22 -5.94 -20.63 15.41
C THR A 22 -6.94 -19.55 15.80
N LYS A 23 -6.87 -19.08 17.04
CA LYS A 23 -7.67 -17.94 17.48
C LYS A 23 -6.85 -17.13 18.47
N GLU A 24 -6.75 -15.83 18.25
CA GLU A 24 -5.90 -14.99 19.07
C GLU A 24 -6.36 -13.55 18.93
N GLU A 25 -5.79 -12.69 19.77
CA GLU A 25 -6.04 -11.25 19.73
CA GLU A 25 -6.04 -11.25 19.72
C GLU A 25 -4.81 -10.53 19.21
N ASP A 26 -5.02 -9.57 18.32
CA ASP A 26 -3.91 -8.78 17.79
C ASP A 26 -4.32 -7.31 17.77
N ILE A 27 -3.33 -6.45 17.58
CA ILE A 27 -3.50 -5.01 17.75
C ILE A 27 -3.46 -4.31 16.40
N TYR A 28 -4.36 -3.35 16.21
CA TYR A 28 -4.39 -2.44 15.07
C TYR A 28 -4.07 -1.06 15.62
N GLY A 29 -2.87 -0.57 15.33
CA GLY A 29 -2.53 0.81 15.66
C GLY A 29 -2.86 1.68 14.48
N TYR A 30 -4.00 2.36 14.51
CA TYR A 30 -4.48 2.98 13.28
C TYR A 30 -3.96 4.39 13.05
N GLU A 31 -3.14 4.92 13.95
CA GLU A 31 -2.45 6.17 13.71
C GLU A 31 -1.07 5.96 13.11
N LEU A 32 -0.68 4.71 12.90
CA LEU A 32 0.48 4.39 12.07
C LEU A 32 -0.01 4.20 10.65
N LEU A 33 0.63 4.88 9.69
CA LEU A 33 0.22 4.68 8.30
C LEU A 33 0.31 3.20 7.96
N TYR A 34 -0.75 2.66 7.35
CA TYR A 34 -0.72 1.24 7.01
C TYR A 34 0.38 1.02 5.98
N ARG A 35 1.28 0.08 6.29
CA ARG A 35 2.45 -0.20 5.45
C ARG A 35 3.41 0.98 5.41
N SER A 36 3.59 1.62 6.55
CA SER A 36 4.52 2.75 6.64
C SER A 36 5.92 2.34 6.19
N ALA A 37 6.66 3.30 5.66
CA ALA A 37 8.09 3.13 5.54
C ALA A 37 8.75 3.27 6.92
N PHE A 38 9.97 2.75 7.02
CA PHE A 38 10.71 2.83 8.27
C PHE A 38 12.17 3.15 7.98
N ALA A 39 12.75 4.02 8.80
CA ALA A 39 14.19 4.20 8.85
C ALA A 39 14.63 4.03 10.30
N SER A 40 15.92 3.74 10.49
CA SER A 40 16.36 3.54 11.87
C SER A 40 17.86 3.68 11.96
N TYR A 41 18.33 3.84 13.20
CA TYR A 41 19.76 3.84 13.49
C TYR A 41 19.91 3.65 14.98
N ILE A 42 20.62 2.63 15.38
CA ILE A 42 21.00 2.48 16.79
C ILE A 42 22.37 3.13 16.97
N ALA A 43 22.57 3.78 18.13
CA ALA A 43 23.84 4.45 18.37
C ALA A 43 24.98 3.44 18.29
N PRO A 44 26.14 3.82 17.72
CA PRO A 44 27.29 2.91 17.70
C PRO A 44 27.69 2.40 19.08
N THR A 45 27.43 3.17 20.14
CA THR A 45 27.62 2.74 21.53
C THR A 45 26.49 1.84 22.02
N GLY A 46 25.40 1.75 21.27
CA GLY A 46 24.24 1.01 21.73
C GLY A 46 23.44 1.71 22.81
N ALA A 47 23.75 2.98 23.11
CA ALA A 47 23.15 3.64 24.26
C ALA A 47 21.70 4.05 24.01
N TRP A 48 21.33 4.30 22.75
CA TRP A 48 19.98 4.75 22.44
C TRP A 48 19.63 4.32 21.01
N ASN A 49 18.34 4.31 20.70
CA ASN A 49 17.80 3.92 19.40
C ASN A 49 16.97 5.04 18.80
N LEU A 50 17.00 5.13 17.46
CA LEU A 50 16.14 6.04 16.71
C LEU A 50 15.42 5.25 15.62
N VAL A 51 14.12 5.49 15.49
CA VAL A 51 13.28 4.92 14.44
C VAL A 51 12.43 6.05 13.89
N TRP A 52 12.28 6.09 12.56
CA TRP A 52 11.35 7.04 11.95
C TRP A 52 10.32 6.29 11.13
N PHE A 53 9.12 6.86 11.07
CA PHE A 53 7.99 6.23 10.42
C PHE A 53 7.02 7.33 10.00
N GLN A 54 6.02 6.96 9.21
CA GLN A 54 4.97 7.87 8.80
C GLN A 54 3.69 7.57 9.56
N ALA A 55 3.09 8.61 10.14
CA ALA A 55 1.80 8.47 10.80
C ALA A 55 0.68 8.49 9.75
N ALA A 56 -0.53 8.08 10.18
CA ALA A 56 -1.66 8.05 9.25
C ALA A 56 -1.93 9.43 8.65
N ASP A 57 -1.68 10.50 9.41
CA ASP A 57 -1.94 11.85 8.91
C ASP A 57 -0.82 12.37 8.00
N GLY A 58 0.15 11.52 7.63
CA GLY A 58 1.20 11.90 6.72
C GLY A 58 2.42 12.54 7.37
N SER A 59 2.33 12.94 8.63
CA SER A 59 3.50 13.45 9.31
C SER A 59 4.55 12.35 9.48
N ILE A 60 5.81 12.76 9.61
CA ILE A 60 6.90 11.84 9.86
C ILE A 60 7.24 11.95 11.34
N LYS A 61 7.25 10.82 12.02
CA LYS A 61 7.47 10.81 13.46
C LYS A 61 8.75 10.04 13.77
N GLN A 62 9.21 10.22 15.00
CA GLN A 62 10.42 9.59 15.49
C GLN A 62 10.09 8.86 16.79
N ALA A 63 10.59 7.65 16.93
CA ALA A 63 10.62 6.95 18.20
C ALA A 63 12.06 6.89 18.68
N ARG A 64 12.30 7.36 19.90
CA ARG A 64 13.64 7.42 20.46
C ARG A 64 13.66 6.62 21.76
N TRP A 65 14.52 5.61 21.84
CA TRP A 65 14.68 4.84 23.05
C TRP A 65 15.91 5.35 23.79
N TYR A 66 15.72 5.79 25.04
CA TYR A 66 16.82 6.13 25.93
C TYR A 66 16.30 5.81 27.34
N GLY A 67 16.36 4.53 27.69
CA GLY A 67 15.72 4.06 28.91
C GLY A 67 14.25 3.76 28.70
N GLU A 68 13.60 4.54 27.84
N GLU A 68 13.58 4.55 27.86
CA GLU A 68 12.21 4.30 27.47
CA GLU A 68 12.20 4.32 27.50
C GLU A 68 11.97 4.89 26.10
C GLU A 68 11.97 4.89 26.10
N TRP A 69 10.88 4.45 25.46
CA TRP A 69 10.51 4.97 24.15
C TRP A 69 9.79 6.31 24.29
N VAL A 70 10.17 7.28 23.46
CA VAL A 70 9.52 8.59 23.43
C VAL A 70 9.22 8.91 21.98
N ILE A 71 7.96 9.26 21.70
CA ILE A 71 7.48 9.55 20.34
C ILE A 71 7.43 11.06 20.14
N SER A 72 7.93 11.52 18.99
CA SER A 72 7.87 12.93 18.64
C SER A 72 7.58 13.07 17.15
N THR A 73 7.19 14.27 16.75
CA THR A 73 6.93 14.56 15.34
C THR A 73 8.08 15.39 14.81
N VAL A 74 8.65 14.98 13.68
CA VAL A 74 9.79 15.71 13.12
C VAL A 74 9.43 16.44 11.84
N LEU A 75 8.43 15.98 11.08
CA LEU A 75 7.98 16.65 9.88
C LEU A 75 6.47 16.76 9.89
N ALA A 76 5.94 17.97 9.76
CA ALA A 76 4.50 18.19 9.80
C ALA A 76 3.80 17.56 8.60
N PRO A 77 2.49 17.35 8.69
CA PRO A 77 1.73 16.92 7.51
C PRO A 77 1.95 17.88 6.35
N GLY A 78 2.09 17.33 5.15
CA GLY A 78 2.35 18.09 3.95
C GLY A 78 3.81 18.11 3.51
N LYS A 79 4.75 17.77 4.41
CA LYS A 79 6.14 17.75 4.00
C LYS A 79 6.44 16.55 3.09
N ALA A 80 5.88 15.39 3.41
CA ALA A 80 6.24 14.16 2.73
C ALA A 80 5.09 13.64 1.88
N LEU A 81 5.45 13.03 0.76
CA LEU A 81 4.54 12.18 0.02
C LEU A 81 3.83 11.20 0.95
N GLN A 82 2.54 10.98 0.73
CA GLN A 82 1.84 9.93 1.47
C GLN A 82 2.34 8.57 0.98
N GLY A 83 2.95 7.81 1.88
CA GLY A 83 3.64 6.60 1.46
C GLY A 83 5.10 6.81 1.11
N THR A 84 5.73 7.88 1.61
CA THR A 84 7.10 8.19 1.23
C THR A 84 8.07 7.10 1.69
N PRO A 85 9.11 6.83 0.92
CA PRO A 85 10.24 6.06 1.45
C PRO A 85 11.02 6.89 2.47
N LEU A 86 11.81 6.19 3.28
CA LEU A 86 12.63 6.82 4.33
C LEU A 86 13.97 6.11 4.43
N THR A 87 15.03 6.89 4.63
CA THR A 87 16.33 6.29 4.95
C THR A 87 17.11 7.32 5.76
N ALA A 88 17.95 6.85 6.70
CA ALA A 88 18.61 7.73 7.64
CA ALA A 88 18.61 7.73 7.64
C ALA A 88 20.12 7.51 7.65
N LEU A 89 20.85 8.55 8.03
CA LEU A 89 22.29 8.52 8.25
C LEU A 89 22.57 9.02 9.66
N LEU A 90 23.67 8.53 10.23
CA LEU A 90 24.12 8.97 11.55
C LEU A 90 25.64 8.92 11.59
N TRP A 91 26.28 10.00 12.00
CA TRP A 91 27.73 10.02 12.13
C TRP A 91 28.13 11.08 13.16
N GLY A 92 29.44 11.20 13.40
CA GLY A 92 29.96 12.21 14.29
C GLY A 92 30.88 11.81 15.44
N PRO A 93 30.87 10.53 15.89
CA PRO A 93 30.24 9.26 15.49
C PRO A 93 28.72 9.20 15.64
N GLN A 94 28.10 10.01 16.51
CA GLN A 94 26.67 9.82 16.72
C GLN A 94 25.99 11.11 17.17
N ASP A 95 26.38 12.24 16.58
CA ASP A 95 25.75 13.51 16.92
C ASP A 95 25.14 14.23 15.72
N THR A 96 25.14 13.62 14.55
CA THR A 96 24.64 14.27 13.35
C THR A 96 23.76 13.28 12.61
N VAL A 97 22.50 13.62 12.41
CA VAL A 97 21.49 12.74 11.82
C VAL A 97 20.93 13.41 10.57
N ARG A 98 20.73 12.62 9.51
CA ARG A 98 20.00 13.05 8.34
C ARG A 98 18.94 12.02 8.00
N LEU A 99 17.77 12.49 7.61
CA LEU A 99 16.66 11.65 7.18
C LEU A 99 16.25 12.07 5.78
N TYR A 100 16.24 11.12 4.84
CA TYR A 100 15.84 11.40 3.48
C TYR A 100 14.45 10.85 3.21
N TYR A 101 13.67 11.61 2.44
CA TYR A 101 12.29 11.29 2.13
C TYR A 101 11.93 11.97 0.79
N LEU A 102 10.72 11.73 0.32
CA LEU A 102 10.24 12.36 -0.90
C LEU A 102 9.14 13.38 -0.59
N SER A 103 9.20 14.51 -1.27
CA SER A 103 8.13 15.49 -1.20
C SER A 103 6.92 14.95 -1.94
N PRO A 104 5.75 15.57 -1.79
CA PRO A 104 4.58 15.13 -2.57
C PRO A 104 4.74 15.33 -4.07
N GLN A 105 5.79 16.03 -4.50
CA GLN A 105 6.13 16.20 -5.91
C GLN A 105 7.27 15.26 -6.34
N PHE A 106 7.59 14.25 -5.53
CA PHE A 106 8.56 13.20 -5.89
C PHE A 106 9.97 13.77 -6.05
N GLU A 107 10.31 14.76 -5.23
CA GLU A 107 11.65 15.33 -5.18
C GLU A 107 12.35 14.87 -3.90
N LEU A 108 13.66 14.60 -4.00
CA LEU A 108 14.45 14.24 -2.83
C LEU A 108 14.39 15.37 -1.80
N GLN A 109 14.16 15.00 -0.54
CA GLN A 109 14.16 15.96 0.56
C GLN A 109 15.04 15.44 1.69
N GLU A 110 15.55 16.38 2.49
CA GLU A 110 16.48 16.03 3.57
C GLU A 110 16.09 16.79 4.83
N TRP A 111 15.98 16.06 5.94
CA TRP A 111 15.77 16.62 7.27
C TRP A 111 17.06 16.43 8.05
N CYS A 112 17.49 17.50 8.75
CA CYS A 112 18.76 17.54 9.46
C CYS A 112 18.51 17.69 10.94
N TRP A 113 19.25 16.92 11.74
CA TRP A 113 19.24 17.04 13.20
C TRP A 113 20.69 17.04 13.67
N ASP A 114 21.16 18.19 14.13
CA ASP A 114 22.53 18.36 14.61
C ASP A 114 22.52 18.51 16.13
N THR A 115 23.35 17.74 16.81
CA THR A 115 23.42 17.81 18.27
C THR A 115 24.84 17.93 18.79
N LYS A 116 25.83 18.12 17.92
CA LYS A 116 27.19 18.23 18.40
C LYS A 116 27.35 19.45 19.29
N ASN A 117 28.18 19.31 20.32
CA ASN A 117 28.55 20.42 21.20
C ASN A 117 27.31 21.05 21.86
N GLY A 118 26.35 20.22 22.26
CA GLY A 118 25.19 20.69 22.97
C GLY A 118 24.05 21.22 22.12
N ALA A 119 24.17 21.17 20.79
CA ALA A 119 23.12 21.71 19.93
C ALA A 119 21.89 20.82 19.92
N ASP A 120 20.76 21.42 19.53
CA ASP A 120 19.52 20.68 19.24
C ASP A 120 18.86 21.36 18.03
N ASN A 121 19.47 21.17 16.86
CA ASN A 121 19.09 21.90 15.66
C ASN A 121 18.40 20.96 14.68
N LYS A 122 17.15 21.28 14.35
CA LYS A 122 16.38 20.54 13.35
C LYS A 122 16.00 21.49 12.23
N TYR A 123 16.28 21.10 10.99
CA TYR A 123 16.15 22.05 9.88
C TYR A 123 16.17 21.30 8.55
N ASP A 124 15.68 21.99 7.50
CA ASP A 124 15.69 21.43 6.15
C ASP A 124 17.08 21.50 5.55
N GLY A 125 17.49 20.42 4.89
CA GLY A 125 18.82 20.33 4.33
C GLY A 125 18.92 21.02 2.99
N ALA A 126 20.17 21.21 2.55
CA ALA A 126 20.45 21.84 1.26
C ALA A 126 20.04 20.97 0.09
N LEU A 127 19.81 19.68 0.32
CA LEU A 127 19.39 18.81 -0.78
C LEU A 127 18.06 19.28 -1.37
N ASN A 128 17.17 19.82 -0.53
CA ASN A 128 15.85 20.24 -1.00
C ASN A 128 15.94 21.22 -2.17
N ALA A 129 16.86 22.17 -2.09
CA ALA A 129 16.98 23.19 -3.12
C ALA A 129 17.48 22.63 -4.44
N ALA A 130 18.09 21.43 -4.46
CA ALA A 130 18.49 20.83 -5.72
C ALA A 130 17.31 20.35 -6.55
N LYS A 131 16.16 20.09 -5.90
CA LYS A 131 14.91 19.73 -6.56
C LYS A 131 15.11 18.52 -7.48
N VAL A 132 15.66 17.45 -6.92
CA VAL A 132 15.98 16.25 -7.69
C VAL A 132 14.72 15.42 -7.82
N LYS A 133 14.18 15.33 -9.04
CA LYS A 133 12.98 14.55 -9.31
C LYS A 133 13.36 13.08 -9.50
N VAL A 134 12.62 12.17 -8.86
CA VAL A 134 12.91 10.75 -8.93
C VAL A 134 11.67 10.03 -9.49
N ALA A 135 11.86 8.78 -9.91
CA ALA A 135 10.70 7.96 -10.27
C ALA A 135 9.71 7.98 -9.12
N PRO A 136 8.41 8.08 -9.39
CA PRO A 136 7.45 8.30 -8.29
C PRO A 136 7.37 7.13 -7.32
N TYR A 137 7.73 5.92 -7.75
CA TYR A 137 7.77 4.74 -6.89
C TYR A 137 9.17 4.47 -6.35
N SER A 138 10.08 5.42 -6.49
CA SER A 138 11.45 5.22 -6.02
C SER A 138 11.50 4.97 -4.53
N LYS A 139 12.36 4.03 -4.12
CA LYS A 139 12.76 3.93 -2.73
C LYS A 139 14.05 4.73 -2.56
N LEU A 140 14.63 4.68 -1.36
CA LEU A 140 15.79 5.50 -1.03
C LEU A 140 16.81 4.72 -0.21
N GLY A 141 18.10 4.93 -0.53
CA GLY A 141 19.17 4.48 0.32
C GLY A 141 20.17 5.61 0.52
N ALA A 142 21.09 5.42 1.47
CA ALA A 142 22.10 6.44 1.70
C ALA A 142 23.24 5.88 2.56
N VAL A 143 24.46 6.41 2.34
CA VAL A 143 25.62 6.14 3.19
C VAL A 143 26.37 7.45 3.42
N SER A 144 27.23 7.45 4.44
CA SER A 144 28.13 8.57 4.70
C SER A 144 29.54 8.05 4.94
N PHE A 145 30.53 8.90 4.71
CA PHE A 145 31.91 8.51 4.94
C PHE A 145 32.77 9.76 5.08
N GLY A 146 33.98 9.56 5.62
CA GLY A 146 34.89 10.67 5.85
C GLY A 146 34.26 11.81 6.61
N GLY A 147 33.42 11.49 7.59
CA GLY A 147 32.58 12.52 8.20
C GLY A 147 31.38 12.85 7.33
N ALA A 148 31.34 14.07 6.80
CA ALA A 148 30.14 14.55 6.10
C ALA A 148 30.25 14.46 4.58
N ASN A 149 30.76 13.36 4.05
CA ASN A 149 30.59 13.03 2.64
C ASN A 149 29.39 12.09 2.52
N LEU A 150 28.36 12.53 1.80
CA LEU A 150 27.09 11.82 1.78
C LEU A 150 26.79 11.34 0.38
N ARG A 151 26.08 10.21 0.30
CA ARG A 151 25.64 9.60 -0.94
C ARG A 151 24.19 9.17 -0.76
N VAL A 152 23.31 9.65 -1.63
CA VAL A 152 21.90 9.30 -1.58
C VAL A 152 21.57 8.51 -2.85
N TYR A 153 20.90 7.39 -2.68
CA TYR A 153 20.59 6.49 -3.79
C TYR A 153 19.09 6.44 -4.02
N TYR A 154 18.69 6.46 -5.28
CA TYR A 154 17.29 6.53 -5.65
C TYR A 154 17.14 5.91 -7.02
N GLN A 155 15.91 5.81 -7.49
CA GLN A 155 15.58 5.25 -8.79
C GLN A 155 15.16 6.40 -9.68
N GLY A 156 15.89 6.57 -10.80
CA GLY A 156 15.53 7.59 -11.77
C GLY A 156 14.34 7.20 -12.61
N THR A 157 13.87 8.19 -13.39
CA THR A 157 12.69 8.00 -14.21
C THR A 157 12.84 6.83 -15.20
N ASN A 158 14.06 6.54 -15.64
CA ASN A 158 14.31 5.43 -16.55
C ASN A 158 14.55 4.10 -15.81
N ASN A 159 14.32 4.08 -14.50
CA ASN A 159 14.37 2.94 -13.59
C ASN A 159 15.79 2.48 -13.22
N LYS A 160 16.84 3.12 -13.73
CA LYS A 160 18.18 2.84 -13.24
C LYS A 160 18.33 3.39 -11.83
N LEU A 161 19.18 2.76 -11.03
CA LEU A 161 19.54 3.33 -9.74
C LEU A 161 20.56 4.43 -9.95
N GLU A 162 20.38 5.53 -9.23
CA GLU A 162 21.17 6.74 -9.42
C GLU A 162 21.71 7.20 -8.07
N GLU A 163 22.71 8.05 -8.11
CA GLU A 163 23.39 8.52 -6.92
C GLU A 163 23.47 10.04 -6.95
N TYR A 164 23.26 10.65 -5.78
CA TYR A 164 23.54 12.07 -5.57
C TYR A 164 24.59 12.18 -4.48
N THR A 165 25.52 13.13 -4.62
CA THR A 165 26.69 13.21 -3.76
C THR A 165 26.74 14.55 -3.05
N PHE A 166 27.30 14.54 -1.85
CA PHE A 166 27.59 15.75 -1.10
C PHE A 166 28.96 15.60 -0.47
N GLY A 167 29.74 16.68 -0.47
CA GLY A 167 30.99 16.69 0.28
C GLY A 167 32.14 17.46 -0.36
N GLY A 168 33.21 17.64 0.39
CA GLY A 168 34.40 18.30 -0.14
C GLY A 168 34.18 19.75 -0.54
N GLY A 169 33.24 20.44 0.10
CA GLY A 169 32.90 21.79 -0.28
C GLY A 169 32.20 21.94 -1.61
N GLN A 170 31.74 20.85 -2.22
CA GLN A 170 31.15 20.91 -3.55
C GLN A 170 29.64 21.10 -3.55
N GLY A 171 28.97 20.88 -2.42
CA GLY A 171 27.53 20.87 -2.42
C GLY A 171 26.98 19.59 -3.04
N TRP A 172 25.67 19.58 -3.18
CA TRP A 172 24.98 18.43 -3.75
C TRP A 172 25.13 18.41 -5.26
N LYS A 173 25.62 17.29 -5.79
CA LYS A 173 25.84 17.14 -7.22
C LYS A 173 25.40 15.75 -7.67
N LYS A 174 25.01 15.64 -8.94
CA LYS A 174 24.65 14.33 -9.47
C LYS A 174 25.88 13.42 -9.44
N GLY A 175 25.69 12.21 -8.93
CA GLY A 175 26.77 11.21 -8.87
C GLY A 175 26.62 10.16 -9.96
N ALA A 176 26.98 8.93 -9.62
CA ALA A 176 27.04 7.88 -10.62
C ALA A 176 25.64 7.41 -11.02
N THR A 177 25.56 6.79 -12.19
CA THR A 177 24.45 5.92 -12.57
C THR A 177 24.93 4.49 -12.38
N LEU A 178 24.18 3.71 -11.60
CA LEU A 178 24.67 2.40 -11.17
C LEU A 178 24.37 1.33 -12.20
N PRO A 179 25.14 0.24 -12.22
CA PRO A 179 24.88 -0.82 -13.19
C PRO A 179 23.66 -1.65 -12.82
N GLY A 180 23.28 -2.54 -13.74
CA GLY A 180 22.21 -3.48 -13.50
C GLY A 180 20.86 -2.97 -14.00
N ASP A 181 19.86 -3.84 -13.87
CA ASP A 181 18.51 -3.61 -14.39
C ASP A 181 17.53 -3.70 -13.22
N PRO A 182 17.33 -2.63 -12.46
CA PRO A 182 16.48 -2.71 -11.27
C PRO A 182 14.99 -2.79 -11.58
N LEU A 183 14.28 -3.58 -10.79
CA LEU A 183 12.83 -3.61 -10.87
C LEU A 183 12.26 -2.22 -10.60
N PRO A 184 11.33 -1.73 -11.40
CA PRO A 184 10.68 -0.46 -11.07
C PRO A 184 10.03 -0.53 -9.70
N GLY A 185 10.40 0.40 -8.83
CA GLY A 185 9.87 0.43 -7.48
C GLY A 185 10.58 -0.47 -6.50
N THR A 186 11.71 -1.07 -6.87
CA THR A 186 12.42 -1.97 -5.96
C THR A 186 12.74 -1.28 -4.65
N TYR A 187 12.63 -2.03 -3.56
CA TYR A 187 13.27 -1.61 -2.33
C TYR A 187 14.78 -1.61 -2.52
N ILE A 188 15.47 -0.70 -1.81
CA ILE A 188 16.91 -0.60 -1.92
C ILE A 188 17.50 -0.30 -0.56
N SER A 189 18.70 -0.81 -0.32
CA SER A 189 19.35 -0.61 0.97
C SER A 189 20.85 -0.58 0.74
N PHE A 190 21.50 0.51 1.14
CA PHE A 190 22.92 0.70 0.93
C PHE A 190 23.63 0.81 2.28
N VAL A 191 24.84 0.25 2.35
CA VAL A 191 25.64 0.25 3.56
C VAL A 191 27.08 0.59 3.22
N ASN A 192 27.82 1.09 4.21
CA ASN A 192 29.24 1.37 4.09
C ASN A 192 29.99 0.43 5.02
N ARG A 193 30.81 -0.46 4.43
CA ARG A 193 31.54 -1.43 5.24
C ARG A 193 32.70 -0.80 6.01
N ASN A 194 33.13 0.41 5.65
CA ASN A 194 34.24 1.06 6.33
C ASN A 194 33.72 2.05 7.38
N LYS A 195 34.61 2.48 8.27
CA LYS A 195 34.20 3.30 9.40
C LYS A 195 33.71 4.68 8.93
N TRP A 196 32.85 5.29 9.76
CA TRP A 196 32.17 6.53 9.39
C TRP A 196 33.13 7.65 9.05
N ASP A 197 34.30 7.70 9.69
CA ASP A 197 35.27 8.76 9.45
C ASP A 197 36.35 8.35 8.45
N ALA A 198 36.26 7.14 7.88
CA ALA A 198 37.26 6.64 6.97
C ALA A 198 36.94 7.04 5.53
N ASN A 199 38.00 7.10 4.73
CA ASN A 199 37.92 7.50 3.33
C ASN A 199 39.05 6.80 2.58
N PRO A 200 38.76 5.99 1.55
CA PRO A 200 37.48 5.74 0.86
C PRO A 200 36.52 4.85 1.64
N PRO A 201 35.25 4.90 1.24
CA PRO A 201 34.27 3.95 1.78
C PRO A 201 34.36 2.62 1.04
N SER A 202 33.47 1.71 1.44
CA SER A 202 33.33 0.39 0.80
C SER A 202 31.82 0.12 0.78
N ILE A 203 31.18 0.42 -0.36
CA ILE A 203 29.73 0.56 -0.41
C ILE A 203 29.10 -0.69 -1.03
N ARG A 204 28.02 -1.15 -0.42
CA ARG A 204 27.21 -2.24 -0.94
C ARG A 204 25.75 -1.79 -0.98
N GLY A 205 25.08 -2.06 -2.09
CA GLY A 205 23.64 -1.81 -2.19
C GLY A 205 22.91 -3.07 -2.58
N TYR A 206 21.72 -3.25 -2.02
CA TYR A 206 20.90 -4.42 -2.28
C TYR A 206 19.57 -3.98 -2.89
N PHE A 207 19.14 -4.68 -3.94
CA PHE A 207 17.95 -4.30 -4.69
C PHE A 207 17.41 -5.53 -5.41
N GLN A 208 16.22 -5.38 -5.99
CA GLN A 208 15.58 -6.44 -6.77
C GLN A 208 15.63 -6.09 -8.25
N THR A 209 15.96 -7.07 -9.09
CA THR A 209 16.09 -6.83 -10.53
C THR A 209 14.78 -7.10 -11.26
N VAL A 210 14.78 -6.75 -12.55
CA VAL A 210 13.63 -6.97 -13.42
C VAL A 210 13.29 -8.43 -13.59
N THR A 211 14.20 -9.34 -13.24
CA THR A 211 13.88 -10.76 -13.29
C THR A 211 13.25 -11.26 -12.01
N GLY A 212 13.24 -10.45 -10.95
CA GLY A 212 12.78 -10.88 -9.65
C GLY A 212 13.89 -11.30 -8.71
N SER A 213 15.09 -11.53 -9.22
CA SER A 213 16.22 -11.87 -8.38
C SER A 213 16.62 -10.70 -7.49
N LEU A 214 17.34 -11.01 -6.41
CA LEU A 214 17.98 -9.98 -5.60
C LEU A 214 19.43 -9.85 -6.04
N ALA A 215 19.95 -8.62 -6.00
CA ALA A 215 21.26 -8.35 -6.54
C ALA A 215 21.97 -7.34 -5.65
N GLU A 216 23.23 -7.08 -5.99
CA GLU A 216 24.12 -6.30 -5.15
C GLU A 216 24.93 -5.32 -5.97
N GLN A 217 24.92 -4.06 -5.58
CA GLN A 217 25.83 -3.04 -6.11
C GLN A 217 27.08 -3.00 -5.25
N VAL A 218 28.24 -2.88 -5.89
CA VAL A 218 29.52 -2.82 -5.20
C VAL A 218 30.25 -1.56 -5.65
N TRP A 219 30.69 -0.74 -4.70
CA TRP A 219 31.66 0.32 -4.99
C TRP A 219 32.93 0.06 -4.19
N GLU A 220 34.06 -0.01 -4.90
CA GLU A 220 35.39 0.12 -4.33
C GLU A 220 36.16 1.10 -5.21
N THR A 221 37.34 1.53 -4.75
CA THR A 221 38.16 2.39 -5.59
C THR A 221 38.31 1.73 -6.97
N GLY A 222 37.96 2.49 -8.02
CA GLY A 222 37.86 1.99 -9.37
C GLY A 222 36.48 2.13 -9.97
N GLY A 223 35.43 2.08 -9.14
CA GLY A 223 34.09 2.36 -9.60
C GLY A 223 33.11 1.27 -9.20
N TRP A 224 31.91 1.35 -9.78
CA TRP A 224 30.81 0.46 -9.44
C TRP A 224 30.85 -0.81 -10.26
N ARG A 225 30.38 -1.91 -9.64
CA ARG A 225 30.19 -3.16 -10.37
C ARG A 225 29.09 -3.96 -9.69
N ILE A 226 28.58 -4.97 -10.39
CA ILE A 226 27.56 -5.84 -9.82
C ILE A 226 28.26 -6.89 -8.95
N GLY A 227 27.71 -7.11 -7.75
CA GLY A 227 28.36 -7.98 -6.78
C GLY A 227 27.98 -9.45 -6.90
N GLN A 228 28.64 -10.26 -6.08
CA GLN A 228 28.43 -11.70 -6.11
C GLN A 228 27.22 -12.16 -5.30
N PHE A 229 26.64 -11.30 -4.47
CA PHE A 229 25.40 -11.64 -3.79
C PHE A 229 24.27 -11.80 -4.80
N VAL A 230 23.72 -13.00 -4.90
CA VAL A 230 22.62 -13.29 -5.83
C VAL A 230 21.61 -14.20 -5.13
N ILE A 231 20.36 -13.75 -5.04
CA ILE A 231 19.22 -14.57 -4.67
C ILE A 231 18.37 -14.75 -5.92
N PRO A 232 18.27 -15.96 -6.49
CA PRO A 232 17.66 -16.08 -7.83
C PRO A 232 16.17 -15.76 -7.87
N ALA A 233 15.45 -15.89 -6.76
CA ALA A 233 14.02 -15.60 -6.77
C ALA A 233 13.61 -15.05 -5.41
N ALA A 234 12.71 -14.08 -5.44
CA ALA A 234 12.18 -13.46 -4.24
C ALA A 234 10.78 -12.97 -4.55
N PRO A 235 9.96 -12.70 -3.54
CA PRO A 235 8.62 -12.16 -3.81
C PRO A 235 8.67 -10.84 -4.55
N PHE A 236 7.64 -10.61 -5.36
CA PHE A 236 7.55 -9.36 -6.12
C PHE A 236 7.57 -8.16 -5.19
N LEU A 237 8.50 -7.23 -5.43
CA LEU A 237 8.66 -6.01 -4.62
C LEU A 237 8.80 -6.36 -3.15
N THR A 238 9.66 -7.34 -2.85
CA THR A 238 9.90 -7.69 -1.46
C THR A 238 10.65 -6.54 -0.76
N PRO A 239 10.24 -6.18 0.46
CA PRO A 239 11.07 -5.29 1.28
C PRO A 239 12.46 -5.85 1.45
N ILE A 240 13.43 -4.94 1.50
CA ILE A 240 14.84 -5.27 1.62
C ILE A 240 15.47 -4.28 2.59
N SER A 241 16.28 -4.77 3.52
CA SER A 241 17.04 -3.85 4.36
C SER A 241 18.35 -4.50 4.79
N ALA A 242 19.44 -3.72 4.76
CA ALA A 242 20.75 -4.22 5.09
C ALA A 242 21.39 -3.33 6.16
N THR A 243 22.33 -3.92 6.90
CA THR A 243 23.11 -3.17 7.86
C THR A 243 24.45 -3.88 8.04
N VAL A 244 25.45 -3.11 8.45
CA VAL A 244 26.80 -3.64 8.59
C VAL A 244 27.43 -3.04 9.84
N SER A 245 28.28 -3.85 10.47
CA SER A 245 29.02 -3.44 11.67
C SER A 245 30.19 -4.39 11.80
N PRO A 246 31.33 -3.93 12.32
CA PRO A 246 32.52 -4.79 12.36
C PRO A 246 32.39 -5.87 13.42
N GLU A 247 32.67 -7.11 13.02
CA GLU A 247 32.77 -8.24 13.94
C GLU A 247 34.19 -8.77 13.85
N LYS A 248 34.94 -8.65 14.95
CA LYS A 248 36.33 -9.11 15.04
C LYS A 248 37.21 -8.45 13.99
N ASP A 249 37.06 -7.13 13.85
CA ASP A 249 37.79 -6.34 12.85
C ASP A 249 37.46 -6.75 11.43
N PHE A 250 36.25 -7.26 11.20
CA PHE A 250 35.82 -7.48 9.82
C PHE A 250 34.36 -7.11 9.66
N PRO A 251 33.99 -6.37 8.60
CA PRO A 251 32.61 -5.93 8.45
C PRO A 251 31.66 -7.11 8.27
N LYS A 252 30.60 -7.13 9.08
CA LYS A 252 29.60 -8.18 9.03
C LYS A 252 28.32 -7.57 8.46
N ILE A 253 28.00 -7.94 7.22
CA ILE A 253 26.78 -7.44 6.56
C ILE A 253 25.63 -8.39 6.86
N HIS A 254 24.51 -7.84 7.29
CA HIS A 254 23.25 -8.57 7.37
C HIS A 254 22.30 -8.01 6.33
N VAL A 255 21.75 -8.90 5.50
CA VAL A 255 20.77 -8.52 4.49
C VAL A 255 19.47 -9.26 4.78
N TYR A 256 18.37 -8.50 4.87
CA TYR A 256 17.05 -9.02 5.22
C TYR A 256 16.06 -8.75 4.10
N TRP A 257 15.23 -9.76 3.82
CA TRP A 257 14.10 -9.60 2.90
C TRP A 257 13.00 -10.55 3.35
N LEU A 258 11.86 -10.54 2.65
CA LEU A 258 10.73 -11.35 3.09
C LEU A 258 10.55 -12.57 2.19
N SER A 259 10.15 -13.68 2.81
CA SER A 259 9.80 -14.89 2.10
C SER A 259 8.39 -14.75 1.51
N VAL A 260 7.95 -15.79 0.76
CA VAL A 260 6.58 -15.78 0.25
C VAL A 260 5.58 -15.86 1.38
N GLU A 261 5.98 -16.42 2.53
CA GLU A 261 5.14 -16.41 3.73
C GLU A 261 5.22 -15.09 4.49
N SER A 262 5.94 -14.09 3.97
CA SER A 262 6.19 -12.82 4.66
C SER A 262 6.91 -13.04 5.99
N THR A 263 7.76 -14.05 6.06
CA THR A 263 8.70 -14.17 7.16
C THR A 263 10.04 -13.57 6.74
N ILE A 264 10.83 -13.17 7.73
CA ILE A 264 12.05 -12.41 7.46
C ILE A 264 13.19 -13.38 7.21
N ILE A 265 13.86 -13.22 6.07
CA ILE A 265 15.01 -14.04 5.70
C ILE A 265 16.27 -13.22 5.90
N GLU A 266 17.35 -13.87 6.35
CA GLU A 266 18.61 -13.20 6.61
C GLU A 266 19.73 -13.90 5.85
N SER A 267 20.54 -13.13 5.13
CA SER A 267 21.83 -13.62 4.66
CA SER A 267 21.83 -13.59 4.63
C SER A 267 22.93 -12.77 5.28
N VAL A 268 23.99 -13.44 5.74
CA VAL A 268 25.11 -12.77 6.39
C VAL A 268 26.32 -12.86 5.47
N ASN A 269 27.05 -11.75 5.35
CA ASN A 269 28.36 -11.76 4.74
C ASN A 269 29.42 -11.47 5.81
N TRP A 270 30.29 -12.43 6.05
CA TRP A 270 31.34 -12.28 7.06
C TRP A 270 32.36 -13.37 6.76
N HIS A 271 33.40 -13.00 6.01
CA HIS A 271 34.28 -13.98 5.37
C HIS A 271 33.47 -14.91 4.47
N GLY A 272 32.69 -14.31 3.58
CA GLY A 272 31.88 -15.04 2.64
C GLY A 272 30.40 -14.98 2.99
N TRP A 273 29.57 -15.29 1.99
CA TRP A 273 28.11 -15.31 2.18
C TRP A 273 27.68 -16.62 2.82
N LYS A 274 26.85 -16.53 3.86
CA LYS A 274 26.25 -17.73 4.45
C LYS A 274 24.88 -17.98 3.82
N ALA A 275 24.42 -19.22 3.95
CA ALA A 275 23.15 -19.58 3.35
C ALA A 275 22.02 -18.73 3.93
N PRO A 276 21.05 -18.33 3.12
CA PRO A 276 19.91 -17.57 3.65
C PRO A 276 19.14 -18.40 4.67
N LYS A 277 18.64 -17.73 5.70
CA LYS A 277 17.95 -18.44 6.76
C LYS A 277 16.84 -17.57 7.34
N GLN A 278 15.71 -18.19 7.63
CA GLN A 278 14.58 -17.52 8.25
C GLN A 278 14.91 -17.23 9.73
N ILE A 279 14.73 -15.97 10.16
CA ILE A 279 15.12 -15.66 11.54
C ILE A 279 14.03 -16.07 12.52
N ASP A 280 12.77 -16.07 12.10
CA ASP A 280 11.67 -16.60 12.89
C ASP A 280 10.53 -16.88 11.92
N ASN A 281 9.52 -17.61 12.38
CA ASN A 281 8.45 -18.05 11.49
C ASN A 281 7.17 -17.24 11.68
N ILE A 282 7.28 -16.00 12.12
CA ILE A 282 6.11 -15.13 12.32
C ILE A 282 5.98 -14.22 11.10
N SER A 283 4.79 -14.21 10.51
CA SER A 283 4.55 -13.44 9.28
C SER A 283 4.30 -11.98 9.63
N VAL A 284 5.14 -11.09 9.12
CA VAL A 284 4.91 -9.66 9.30
C VAL A 284 4.03 -9.18 8.15
N VAL A 285 3.56 -7.94 8.24
CA VAL A 285 2.89 -7.33 7.11
C VAL A 285 3.90 -7.13 6.00
N LYS A 286 3.55 -7.52 4.78
CA LYS A 286 4.46 -7.32 3.65
C LYS A 286 4.58 -5.83 3.39
N ALA A 287 5.60 -5.23 3.97
CA ALA A 287 5.77 -3.79 3.96
C ALA A 287 7.18 -3.50 4.45
N ASP A 288 7.59 -2.25 4.34
CA ASP A 288 8.99 -1.87 4.57
C ASP A 288 9.49 -2.33 5.94
N ILE A 289 10.74 -2.78 5.97
CA ILE A 289 11.45 -3.10 7.19
C ILE A 289 12.73 -2.26 7.23
N SER A 290 13.29 -2.12 8.42
CA SER A 290 14.52 -1.34 8.60
C SER A 290 15.40 -2.03 9.62
N ALA A 291 16.65 -2.34 9.24
CA ALA A 291 17.60 -2.98 10.13
C ALA A 291 18.75 -2.05 10.45
N THR A 292 19.27 -2.19 11.67
CA THR A 292 20.43 -1.43 12.11
C THR A 292 21.23 -2.31 13.07
N SER A 293 22.48 -1.96 13.30
CA SER A 293 23.34 -2.82 14.11
C SER A 293 24.46 -1.98 14.72
N PHE A 294 25.10 -2.54 15.75
CA PHE A 294 26.29 -1.93 16.33
C PHE A 294 27.15 -3.05 16.92
N THR A 295 28.41 -2.72 17.19
CA THR A 295 29.37 -3.68 17.74
C THR A 295 29.62 -3.37 19.22
N ARG A 296 29.37 -4.35 20.08
CA ARG A 296 29.70 -4.20 21.48
C ARG A 296 31.22 -4.22 21.67
N ASP A 297 31.67 -3.67 22.81
CA ASP A 297 33.12 -3.59 23.01
C ASP A 297 33.75 -4.94 23.29
N ASP A 298 32.96 -6.02 23.35
CA ASP A 298 33.48 -7.38 23.39
C ASP A 298 33.57 -8.02 22.00
N GLY A 299 33.20 -7.29 20.94
CA GLY A 299 33.41 -7.74 19.58
C GLY A 299 32.22 -8.33 18.87
N THR A 300 31.08 -8.47 19.54
CA THR A 300 29.91 -9.09 18.96
C THR A 300 28.93 -8.02 18.45
N VAL A 301 28.16 -8.38 17.42
CA VAL A 301 27.31 -7.43 16.73
C VAL A 301 25.85 -7.70 17.10
N ASP A 302 25.18 -6.67 17.63
CA ASP A 302 23.74 -6.68 17.85
C ASP A 302 23.02 -6.17 16.61
N VAL A 303 21.80 -6.65 16.41
CA VAL A 303 20.96 -6.20 15.29
C VAL A 303 19.59 -5.84 15.84
N ARG A 304 18.99 -4.78 15.32
CA ARG A 304 17.58 -4.48 15.55
C ARG A 304 16.90 -4.39 14.19
N ILE A 305 15.69 -4.94 14.10
CA ILE A 305 14.86 -4.81 12.90
C ILE A 305 13.52 -4.22 13.30
N TYR A 306 13.09 -3.20 12.57
CA TYR A 306 11.80 -2.56 12.75
C TYR A 306 10.95 -2.76 11.49
N GLY A 307 9.64 -2.81 11.69
CA GLY A 307 8.72 -2.96 10.57
C GLY A 307 7.30 -3.03 11.10
N THR A 308 6.38 -3.52 10.26
CA THR A 308 4.97 -3.63 10.63
C THR A 308 4.61 -5.08 10.90
N ALA A 309 4.09 -5.35 12.10
CA ALA A 309 3.54 -6.66 12.41
C ALA A 309 2.02 -6.62 12.35
N GLN A 310 1.42 -7.81 12.34
CA GLN A 310 -0.03 -7.92 12.40
C GLN A 310 -0.57 -7.29 13.67
N LEU A 311 -1.68 -6.55 13.56
CA LEU A 311 -2.33 -6.23 12.31
C LEU A 311 -1.73 -4.97 11.70
N ASN A 312 -1.45 -3.98 12.56
CA ASN A 312 -0.66 -2.81 12.17
C ASN A 312 0.04 -2.26 13.40
N VAL A 313 1.15 -2.87 13.79
CA VAL A 313 1.93 -2.40 14.92
C VAL A 313 3.40 -2.32 14.52
N LEU A 314 4.10 -1.38 15.15
CA LEU A 314 5.53 -1.21 14.91
C LEU A 314 6.27 -2.21 15.78
N PHE A 315 6.92 -3.19 15.16
CA PHE A 315 7.64 -4.21 15.89
C PHE A 315 9.11 -3.84 16.00
N GLU A 316 9.76 -4.43 17.02
CA GLU A 316 11.21 -4.42 17.16
C GLU A 316 11.65 -5.84 17.42
N ARG A 317 12.44 -6.39 16.50
CA ARG A 317 13.10 -7.68 16.69
C ARG A 317 14.54 -7.43 17.09
N ILE A 318 15.05 -8.25 18.01
CA ILE A 318 16.32 -7.98 18.66
C ILE A 318 17.23 -9.19 18.54
N PHE A 319 18.41 -8.99 17.97
CA PHE A 319 19.50 -9.97 17.98
C PHE A 319 20.54 -9.45 18.96
N ARG A 320 20.72 -10.16 20.06
CA ARG A 320 21.53 -9.68 21.17
C ARG A 320 22.26 -10.87 21.79
N TYR A 321 23.56 -10.73 21.97
CA TYR A 321 24.40 -11.81 22.54
C TYR A 321 24.20 -13.13 21.79
N GLY A 322 24.11 -13.03 20.46
CA GLY A 322 24.13 -14.19 19.60
C GLY A 322 22.80 -14.87 19.33
N VAL A 323 21.67 -14.32 19.78
CA VAL A 323 20.38 -14.97 19.59
CA VAL A 323 20.38 -14.96 19.58
C VAL A 323 19.32 -13.91 19.24
N TRP A 324 18.32 -14.35 18.48
CA TRP A 324 17.11 -13.57 18.27
C TRP A 324 16.22 -13.76 19.48
N GLU A 325 15.88 -12.67 20.16
CA GLU A 325 15.10 -12.81 21.37
C GLU A 325 13.67 -13.18 21.01
N GLU A 326 13.09 -14.10 21.78
CA GLU A 326 11.72 -14.56 21.50
CA GLU A 326 11.72 -14.56 21.50
C GLU A 326 10.69 -13.47 21.79
N LYS A 327 11.02 -12.52 22.66
CA LYS A 327 10.12 -11.40 22.95
C LYS A 327 10.25 -10.39 21.82
N ILE A 328 9.25 -10.33 20.94
CA ILE A 328 9.21 -9.33 19.89
C ILE A 328 8.43 -8.14 20.43
N HIS A 329 9.11 -7.01 20.57
CA HIS A 329 8.52 -5.83 21.16
C HIS A 329 7.57 -5.14 20.18
N SER A 330 6.69 -4.32 20.74
CA SER A 330 5.84 -3.42 19.98
C SER A 330 5.97 -2.02 20.57
N ILE A 331 6.10 -1.02 19.69
CA ILE A 331 6.24 0.37 20.09
C ILE A 331 4.95 1.08 19.73
N SER A 332 4.21 1.53 20.75
CA SER A 332 2.94 2.19 20.49
C SER A 332 3.18 3.60 19.96
N VAL A 333 2.47 3.96 18.89
CA VAL A 333 2.62 5.26 18.27
C VAL A 333 1.32 6.04 18.22
N GLY A 334 0.30 5.56 18.92
CA GLY A 334 -0.98 6.24 18.92
C GLY A 334 -2.08 5.29 19.38
N LYS A 335 -3.32 5.68 19.07
CA LYS A 335 -4.51 4.93 19.47
C LYS A 335 -4.54 3.56 18.80
N GLU A 336 -5.07 2.57 19.52
CA GLU A 336 -5.05 1.19 19.07
C GLU A 336 -6.38 0.53 19.39
N ILE A 337 -6.78 -0.44 18.57
CA ILE A 337 -7.89 -1.30 18.98
C ILE A 337 -7.48 -2.77 18.88
N PRO A 338 -7.91 -3.61 19.80
CA PRO A 338 -7.64 -5.05 19.69
C PRO A 338 -8.70 -5.72 18.85
N ILE A 339 -8.26 -6.65 18.00
CA ILE A 339 -9.16 -7.37 17.10
C ILE A 339 -8.85 -8.85 17.18
N GLU A 340 -9.90 -9.66 17.19
CA GLU A 340 -9.77 -11.11 17.21
C GLU A 340 -9.42 -11.63 15.82
N VAL A 341 -8.43 -12.51 15.75
CA VAL A 341 -7.90 -13.07 14.50
C VAL A 341 -8.15 -14.57 14.53
N VAL A 342 -8.72 -15.10 13.45
CA VAL A 342 -8.93 -16.54 13.32
C VAL A 342 -8.20 -17.05 12.08
N GLY A 343 -7.54 -18.20 12.23
CA GLY A 343 -6.87 -18.82 11.09
C GLY A 343 -7.87 -19.57 10.22
N VAL A 344 -7.80 -19.34 8.91
CA VAL A 344 -8.78 -19.87 7.97
C VAL A 344 -8.04 -20.59 6.84
N ALA A 345 -8.52 -21.78 6.48
CA ALA A 345 -7.83 -22.63 5.52
C ALA A 345 -8.22 -22.34 4.08
N ALA A 346 -9.51 -22.33 3.76
CA ALA A 346 -10.01 -22.09 2.41
C ALA A 346 -10.74 -20.75 2.35
N ALA A 347 -11.26 -20.43 1.15
CA ALA A 347 -11.92 -19.14 0.96
C ALA A 347 -13.29 -19.09 1.63
N LEU A 348 -14.02 -20.20 1.62
CA LEU A 348 -15.37 -20.23 2.18
C LEU A 348 -15.64 -21.54 2.92
N PRO B 3 13.23 -15.27 -11.32
CA PRO B 3 11.77 -15.11 -11.26
C PRO B 3 11.33 -14.50 -9.96
N VAL B 4 10.07 -14.09 -9.87
CA VAL B 4 9.48 -13.71 -8.60
C VAL B 4 8.76 -14.92 -8.02
N GLU B 5 8.74 -14.99 -6.70
CA GLU B 5 8.14 -16.11 -5.98
C GLU B 5 6.70 -15.81 -5.63
N PHE B 6 5.85 -16.84 -5.75
CA PHE B 6 4.42 -16.73 -5.48
C PHE B 6 4.02 -17.97 -4.71
N PRO B 7 3.10 -17.85 -3.75
CA PRO B 7 2.65 -19.03 -3.01
C PRO B 7 2.15 -20.13 -3.94
N LYS B 8 2.73 -21.32 -3.78
CA LYS B 8 2.50 -22.41 -4.73
C LYS B 8 1.02 -22.80 -4.82
N SER B 9 0.27 -22.64 -3.74
CA SER B 9 -1.12 -23.08 -3.68
C SER B 9 -2.10 -22.09 -4.33
N LEU B 10 -1.65 -20.88 -4.66
CA LEU B 10 -2.52 -19.88 -5.26
C LEU B 10 -2.25 -19.79 -6.76
N ARG B 11 -3.30 -19.44 -7.52
CA ARG B 11 -3.20 -19.23 -8.96
C ARG B 11 -3.02 -17.74 -9.20
N ALA B 12 -1.95 -17.38 -9.93
CA ALA B 12 -1.66 -15.98 -10.18
C ALA B 12 -2.42 -15.43 -11.39
N SER B 13 -2.88 -16.30 -12.28
CA SER B 13 -3.49 -15.86 -13.53
C SER B 13 -4.41 -16.96 -14.04
N SER B 14 -5.19 -16.62 -15.06
CA SER B 14 -6.06 -17.59 -15.70
CA SER B 14 -6.06 -17.59 -15.70
C SER B 14 -5.28 -18.74 -16.33
N HIS B 15 -4.02 -18.52 -16.69
CA HIS B 15 -3.21 -19.57 -17.27
C HIS B 15 -2.33 -20.27 -16.25
N SER B 16 -2.52 -20.01 -14.95
CA SER B 16 -1.85 -20.79 -13.93
C SER B 16 -2.38 -22.22 -13.95
N SER B 17 -1.53 -23.16 -13.52
CA SER B 17 -1.95 -24.54 -13.44
CA SER B 17 -1.95 -24.54 -13.44
C SER B 17 -3.18 -24.67 -12.55
N GLU B 18 -3.92 -25.76 -12.74
CA GLU B 18 -5.18 -25.91 -12.03
C GLU B 18 -4.99 -26.01 -10.52
N GLY B 19 -3.87 -26.55 -10.06
CA GLY B 19 -3.62 -26.71 -8.64
C GLY B 19 -2.86 -25.58 -7.97
N GLY B 20 -2.58 -24.49 -8.67
CA GLY B 20 -1.80 -23.39 -8.18
C GLY B 20 -0.77 -22.96 -9.21
N THR B 21 0.15 -22.12 -8.80
CA THR B 21 1.16 -21.58 -9.70
C THR B 21 2.37 -22.50 -9.75
N THR B 22 2.81 -22.84 -10.97
CA THR B 22 4.04 -23.61 -11.11
C THR B 22 5.11 -22.71 -11.71
N LYS B 23 5.06 -22.47 -13.01
CA LYS B 23 5.94 -21.51 -13.66
C LYS B 23 5.19 -20.85 -14.80
N GLU B 24 5.18 -19.52 -14.83
CA GLU B 24 4.41 -18.79 -15.83
C GLU B 24 4.98 -17.38 -15.96
N GLU B 25 4.48 -16.66 -16.96
CA GLU B 25 4.84 -15.27 -17.20
CA GLU B 25 4.85 -15.27 -17.19
C GLU B 25 3.66 -14.38 -16.83
N ASP B 26 3.93 -13.31 -16.11
CA ASP B 26 2.93 -12.32 -15.74
C ASP B 26 3.51 -10.93 -15.95
N ILE B 27 2.64 -9.93 -15.96
CA ILE B 27 2.99 -8.60 -16.45
C ILE B 27 3.02 -7.62 -15.28
N TYR B 28 3.97 -6.70 -15.33
CA TYR B 28 4.10 -5.61 -14.38
C TYR B 28 3.88 -4.31 -15.16
N GLY B 29 2.70 -3.72 -14.99
CA GLY B 29 2.44 -2.40 -15.55
C GLY B 29 2.87 -1.33 -14.58
N TYR B 30 4.08 -0.80 -14.76
CA TYR B 30 4.63 -0.01 -13.67
C TYR B 30 4.21 1.45 -13.73
N GLU B 31 3.39 1.84 -14.70
CA GLU B 31 2.85 3.20 -14.70
C GLU B 31 1.46 3.26 -14.07
N LEU B 32 0.95 2.14 -13.59
CA LEU B 32 -0.21 2.09 -12.69
C LEU B 32 0.28 2.12 -11.26
N LEU B 33 -0.25 3.03 -10.45
CA LEU B 33 0.13 3.07 -9.04
C LEU B 33 -0.07 1.68 -8.42
N TYR B 34 0.95 1.18 -7.73
CA TYR B 34 0.79 -0.14 -7.11
C TYR B 34 -0.34 -0.09 -6.09
N ARG B 35 -1.33 -0.97 -6.25
CA ARG B 35 -2.52 -1.00 -5.39
C ARG B 35 -3.38 0.25 -5.57
N SER B 36 -3.51 0.71 -6.83
CA SER B 36 -4.34 1.86 -7.16
C SER B 36 -5.77 1.67 -6.67
N ALA B 37 -6.41 2.76 -6.27
CA ALA B 37 -7.86 2.75 -6.16
C ALA B 37 -8.47 2.67 -7.56
N PHE B 38 -9.73 2.21 -7.62
CA PHE B 38 -10.50 2.18 -8.86
C PHE B 38 -11.91 2.67 -8.61
N ALA B 39 -12.43 3.41 -9.58
CA ALA B 39 -13.85 3.74 -9.68
C ALA B 39 -14.29 3.34 -11.09
N SER B 40 -15.59 3.13 -11.28
CA SER B 40 -16.03 2.72 -12.61
C SER B 40 -17.51 3.00 -12.77
N TYR B 41 -17.94 3.04 -14.03
CA TYR B 41 -19.37 3.07 -14.32
C TYR B 41 -19.54 2.57 -15.75
N ILE B 42 -20.37 1.55 -15.94
CA ILE B 42 -20.73 1.12 -17.27
C ILE B 42 -22.01 1.85 -17.66
N ALA B 43 -22.11 2.27 -18.92
CA ALA B 43 -23.29 2.98 -19.36
C ALA B 43 -24.52 2.11 -19.12
N PRO B 44 -25.65 2.70 -18.68
CA PRO B 44 -26.86 1.89 -18.51
C PRO B 44 -27.30 1.17 -19.77
N THR B 45 -26.93 1.69 -20.94
CA THR B 45 -27.19 1.00 -22.20
C THR B 45 -26.17 -0.10 -22.48
N GLY B 46 -25.08 -0.15 -21.73
CA GLY B 46 -23.96 -1.00 -22.05
C GLY B 46 -23.12 -0.55 -23.23
N ALA B 47 -23.39 0.65 -23.79
CA ALA B 47 -22.72 1.07 -25.00
C ALA B 47 -21.25 1.43 -24.77
N TRP B 48 -20.87 1.82 -23.55
CA TRP B 48 -19.50 2.20 -23.28
C TRP B 48 -19.23 1.99 -21.80
N ASN B 49 -17.95 2.02 -21.45
CA ASN B 49 -17.46 1.74 -20.10
C ASN B 49 -16.53 2.87 -19.68
N LEU B 50 -16.57 3.23 -18.38
CA LEU B 50 -15.63 4.17 -17.80
C LEU B 50 -14.97 3.54 -16.58
N VAL B 51 -13.65 3.71 -16.48
CA VAL B 51 -12.86 3.29 -15.33
C VAL B 51 -11.93 4.44 -14.97
N TRP B 52 -11.75 4.69 -13.69
CA TRP B 52 -10.77 5.66 -13.25
C TRP B 52 -9.80 4.99 -12.29
N PHE B 53 -8.55 5.45 -12.33
CA PHE B 53 -7.48 4.86 -11.55
C PHE B 53 -6.42 5.93 -11.35
N GLN B 54 -5.45 5.62 -10.49
CA GLN B 54 -4.35 6.54 -10.21
C GLN B 54 -3.08 6.01 -10.88
N ALA B 55 -2.43 6.86 -11.66
CA ALA B 55 -1.16 6.49 -12.27
C ALA B 55 -0.04 6.58 -11.24
N ALA B 56 1.11 5.99 -11.58
CA ALA B 56 2.24 6.02 -10.64
C ALA B 56 2.62 7.45 -10.29
N ASP B 57 2.51 8.38 -11.26
CA ASP B 57 2.87 9.77 -10.99
C ASP B 57 1.78 10.53 -10.21
N GLY B 58 0.74 9.83 -9.75
CA GLY B 58 -0.28 10.43 -8.91
C GLY B 58 -1.42 11.08 -9.65
N SER B 59 -1.32 11.24 -10.97
CA SER B 59 -2.45 11.78 -11.71
C SER B 59 -3.60 10.77 -11.66
N ILE B 60 -4.82 11.28 -11.86
CA ILE B 60 -5.98 10.40 -12.00
C ILE B 60 -6.28 10.28 -13.47
N LYS B 61 -6.36 9.04 -13.94
CA LYS B 61 -6.58 8.80 -15.35
C LYS B 61 -7.88 8.06 -15.54
N GLN B 62 -8.31 8.02 -16.80
CA GLN B 62 -9.58 7.44 -17.18
C GLN B 62 -9.34 6.47 -18.32
N ALA B 63 -9.95 5.29 -18.23
CA ALA B 63 -9.99 4.37 -19.34
C ALA B 63 -11.44 4.32 -19.82
N ARG B 64 -11.64 4.60 -21.10
CA ARG B 64 -12.97 4.62 -21.67
C ARG B 64 -13.03 3.61 -22.80
N TRP B 65 -13.99 2.69 -22.74
CA TRP B 65 -14.19 1.73 -23.82
C TRP B 65 -15.34 2.20 -24.68
N TYR B 66 -15.08 2.39 -25.97
CA TYR B 66 -16.09 2.73 -26.97
C TYR B 66 -15.56 2.12 -28.27
N GLY B 67 -15.78 0.82 -28.43
CA GLY B 67 -15.18 0.11 -29.55
C GLY B 67 -13.77 -0.33 -29.24
N GLU B 68 -13.00 0.52 -28.55
CA GLU B 68 -11.68 0.19 -28.05
C GLU B 68 -11.44 1.00 -26.80
N TRP B 69 -10.43 0.59 -26.02
CA TRP B 69 -10.03 1.31 -24.80
C TRP B 69 -9.17 2.50 -25.17
N VAL B 70 -9.49 3.66 -24.59
CA VAL B 70 -8.72 4.90 -24.76
C VAL B 70 -8.39 5.43 -23.36
N ILE B 71 -7.10 5.76 -23.13
CA ILE B 71 -6.64 6.27 -21.83
C ILE B 71 -6.48 7.78 -21.93
N SER B 72 -6.96 8.49 -20.91
CA SER B 72 -6.80 9.93 -20.83
C SER B 72 -6.52 10.32 -19.38
N THR B 73 -6.05 11.55 -19.18
CA THR B 73 -5.79 12.06 -17.84
C THR B 73 -6.88 13.05 -17.45
N VAL B 74 -7.52 12.85 -16.30
CA VAL B 74 -8.59 13.73 -15.88
C VAL B 74 -8.18 14.68 -14.76
N LEU B 75 -7.23 14.27 -13.91
CA LEU B 75 -6.70 15.13 -12.84
C LEU B 75 -5.18 15.09 -12.88
N ALA B 76 -4.56 16.26 -12.98
CA ALA B 76 -3.11 16.35 -13.09
C ALA B 76 -2.43 15.85 -11.82
N PRO B 77 -1.16 15.47 -11.92
CA PRO B 77 -0.39 15.16 -10.69
C PRO B 77 -0.48 16.30 -9.69
N GLY B 78 -0.62 15.95 -8.42
CA GLY B 78 -0.69 16.90 -7.35
C GLY B 78 -2.09 17.21 -6.86
N LYS B 79 -3.12 16.93 -7.67
CA LYS B 79 -4.49 17.23 -7.25
C LYS B 79 -4.94 16.24 -6.18
N ALA B 80 -4.52 14.98 -6.30
CA ALA B 80 -5.02 13.90 -5.45
C ALA B 80 -3.95 13.41 -4.48
N LEU B 81 -4.39 13.03 -3.28
CA LEU B 81 -3.54 12.29 -2.37
C LEU B 81 -2.88 11.13 -3.11
N GLN B 82 -1.61 10.87 -2.82
CA GLN B 82 -1.00 9.64 -3.34
C GLN B 82 -1.65 8.46 -2.63
N GLY B 83 -2.32 7.60 -3.39
CA GLY B 83 -3.11 6.55 -2.78
C GLY B 83 -4.54 6.95 -2.46
N THR B 84 -5.07 7.98 -3.14
CA THR B 84 -6.43 8.43 -2.85
C THR B 84 -7.45 7.33 -3.11
N PRO B 85 -8.53 7.28 -2.34
CA PRO B 85 -9.68 6.49 -2.77
C PRO B 85 -10.38 7.19 -3.93
N LEU B 86 -11.25 6.44 -4.61
CA LEU B 86 -12.01 6.97 -5.74
C LEU B 86 -13.40 6.37 -5.73
N THR B 87 -14.40 7.19 -6.08
CA THR B 87 -15.73 6.64 -6.32
C THR B 87 -16.45 7.56 -7.30
N ALA B 88 -17.33 6.98 -8.14
CA ALA B 88 -17.89 7.74 -9.25
C ALA B 88 -19.41 7.68 -9.26
N LEU B 89 -20.02 8.74 -9.80
CA LEU B 89 -21.45 8.82 -10.06
C LEU B 89 -21.69 9.09 -11.55
N LEU B 90 -22.80 8.56 -12.06
CA LEU B 90 -23.20 8.79 -13.46
C LEU B 90 -24.73 8.87 -13.51
N TRP B 91 -25.27 9.96 -14.05
CA TRP B 91 -26.72 10.02 -14.21
C TRP B 91 -27.08 10.86 -15.45
N GLY B 92 -28.38 11.03 -15.68
CA GLY B 92 -28.84 11.93 -16.71
C GLY B 92 -29.71 11.42 -17.85
N PRO B 93 -29.79 10.10 -18.09
CA PRO B 93 -29.30 8.87 -17.45
C PRO B 93 -27.78 8.64 -17.55
N GLN B 94 -27.08 9.20 -18.53
CA GLN B 94 -25.66 8.86 -18.67
C GLN B 94 -24.87 9.98 -19.33
N ASP B 95 -25.16 11.23 -18.97
CA ASP B 95 -24.46 12.36 -19.57
C ASP B 95 -23.78 13.26 -18.55
N THR B 96 -23.79 12.87 -17.27
CA THR B 96 -23.25 13.69 -16.18
C THR B 96 -22.47 12.78 -15.25
N VAL B 97 -21.18 13.08 -15.06
CA VAL B 97 -20.27 12.24 -14.29
C VAL B 97 -19.67 13.07 -13.15
N ARG B 98 -19.60 12.47 -11.97
CA ARG B 98 -18.87 13.04 -10.83
C ARG B 98 -17.89 12.00 -10.33
N LEU B 99 -16.66 12.43 -10.03
CA LEU B 99 -15.62 11.57 -9.49
C LEU B 99 -15.14 12.17 -8.18
N TYR B 100 -15.21 11.38 -7.11
CA TYR B 100 -14.83 11.87 -5.78
C TYR B 100 -13.48 11.27 -5.39
N TYR B 101 -12.66 12.07 -4.72
CA TYR B 101 -11.32 11.68 -4.34
C TYR B 101 -10.90 12.55 -3.15
N LEU B 102 -9.70 12.30 -2.64
CA LEU B 102 -9.17 13.12 -1.56
C LEU B 102 -8.00 13.97 -2.05
N SER B 103 -7.98 15.22 -1.59
CA SER B 103 -6.83 16.08 -1.76
C SER B 103 -5.67 15.58 -0.91
N PRO B 104 -4.45 16.09 -1.15
CA PRO B 104 -3.31 15.69 -0.31
C PRO B 104 -3.45 16.15 1.14
N GLN B 105 -4.41 17.03 1.44
CA GLN B 105 -4.74 17.46 2.79
C GLN B 105 -5.95 16.73 3.37
N PHE B 106 -6.34 15.61 2.75
CA PHE B 106 -7.44 14.76 3.24
C PHE B 106 -8.78 15.51 3.28
N GLU B 107 -9.03 16.35 2.28
CA GLU B 107 -10.35 16.95 2.12
C GLU B 107 -11.08 16.30 0.96
N LEU B 108 -12.39 16.14 1.11
CA LEU B 108 -13.22 15.65 0.01
C LEU B 108 -13.09 16.57 -1.19
N GLN B 109 -12.94 15.97 -2.38
CA GLN B 109 -12.88 16.71 -3.63
C GLN B 109 -13.80 16.05 -4.64
N GLU B 110 -14.17 16.83 -5.65
CA GLU B 110 -15.13 16.41 -6.67
C GLU B 110 -14.64 16.91 -8.02
N TRP B 111 -14.55 16.01 -8.99
CA TRP B 111 -14.29 16.37 -10.39
C TRP B 111 -15.57 16.15 -11.19
N CYS B 112 -15.91 17.13 -12.03
CA CYS B 112 -17.17 17.13 -12.75
C CYS B 112 -16.95 17.06 -14.25
N TRP B 113 -17.73 16.22 -14.90
CA TRP B 113 -17.68 16.10 -16.36
C TRP B 113 -19.12 16.15 -16.84
N ASP B 114 -19.51 17.26 -17.48
CA ASP B 114 -20.85 17.47 -18.00
C ASP B 114 -20.86 17.34 -19.52
N THR B 115 -21.73 16.48 -20.06
CA THR B 115 -21.87 16.35 -21.50
C THR B 115 -23.29 16.54 -21.99
N LYS B 116 -24.20 16.97 -21.13
CA LYS B 116 -25.58 17.20 -21.56
C LYS B 116 -25.63 18.27 -22.65
N ASN B 117 -26.47 18.04 -23.66
CA ASN B 117 -26.67 18.99 -24.75
C ASN B 117 -25.40 19.21 -25.58
N GLY B 118 -24.54 18.20 -25.66
CA GLY B 118 -23.33 18.33 -26.45
C GLY B 118 -22.20 19.09 -25.78
N ALA B 119 -22.36 19.48 -24.53
CA ALA B 119 -21.28 20.13 -23.80
C ALA B 119 -20.14 19.14 -23.56
N ASP B 120 -18.98 19.68 -23.16
CA ASP B 120 -17.86 18.86 -22.76
C ASP B 120 -17.08 19.65 -21.71
N ASN B 121 -17.71 19.88 -20.57
CA ASN B 121 -17.17 20.73 -19.51
C ASN B 121 -16.59 19.87 -18.41
N LYS B 122 -15.32 20.12 -18.08
CA LYS B 122 -14.63 19.43 -17.01
C LYS B 122 -14.14 20.47 -16.01
N TYR B 123 -14.44 20.29 -14.73
CA TYR B 123 -14.16 21.36 -13.78
C TYR B 123 -14.21 20.81 -12.36
N ASP B 124 -13.71 21.61 -11.43
CA ASP B 124 -13.77 21.28 -10.01
C ASP B 124 -15.16 21.59 -9.46
N GLY B 125 -15.76 20.61 -8.77
CA GLY B 125 -17.10 20.78 -8.25
C GLY B 125 -17.15 21.60 -6.99
N ALA B 126 -18.39 21.95 -6.60
CA ALA B 126 -18.63 22.79 -5.44
C ALA B 126 -18.27 22.10 -4.13
N LEU B 127 -18.18 20.77 -4.12
CA LEU B 127 -17.83 20.06 -2.88
C LEU B 127 -16.49 20.53 -2.34
N ASN B 128 -15.55 20.84 -3.25
CA ASN B 128 -14.21 21.27 -2.82
C ASN B 128 -14.29 22.45 -1.86
N ALA B 129 -15.25 23.36 -2.07
CA ALA B 129 -15.30 24.59 -1.30
C ALA B 129 -15.80 24.36 0.12
N ALA B 130 -16.45 23.22 0.38
CA ALA B 130 -16.86 22.91 1.74
C ALA B 130 -15.70 22.50 2.62
N LYS B 131 -14.55 22.15 2.02
CA LYS B 131 -13.31 21.84 2.74
C LYS B 131 -13.55 20.81 3.84
N VAL B 132 -14.13 19.67 3.45
CA VAL B 132 -14.52 18.64 4.42
C VAL B 132 -13.32 17.76 4.72
N LYS B 133 -12.76 17.90 5.93
CA LYS B 133 -11.65 17.05 6.36
C LYS B 133 -12.18 15.69 6.80
N VAL B 134 -11.53 14.62 6.36
CA VAL B 134 -11.94 13.26 6.68
C VAL B 134 -10.77 12.55 7.36
N ALA B 135 -11.04 11.37 7.92
CA ALA B 135 -9.95 10.57 8.45
C ALA B 135 -8.96 10.27 7.33
N PRO B 136 -7.66 10.33 7.60
CA PRO B 136 -6.70 10.27 6.47
C PRO B 136 -6.71 8.94 5.72
N TYR B 137 -7.14 7.85 6.36
CA TYR B 137 -7.31 6.55 5.73
C TYR B 137 -8.73 6.29 5.24
N SER B 138 -9.57 7.32 5.19
CA SER B 138 -10.95 7.16 4.76
C SER B 138 -11.05 6.68 3.31
N LYS B 139 -11.98 5.77 3.07
CA LYS B 139 -12.42 5.44 1.72
C LYS B 139 -13.67 6.26 1.41
N LEU B 140 -14.26 6.02 0.22
CA LEU B 140 -15.33 6.87 -0.30
C LEU B 140 -16.39 6.02 -0.97
N GLY B 141 -17.66 6.39 -0.74
CA GLY B 141 -18.75 5.88 -1.52
C GLY B 141 -19.69 7.03 -1.86
N ALA B 142 -20.63 6.75 -2.77
CA ALA B 142 -21.54 7.81 -3.19
C ALA B 142 -22.71 7.22 -3.96
N VAL B 143 -23.87 7.88 -3.88
CA VAL B 143 -25.02 7.55 -4.71
C VAL B 143 -25.65 8.84 -5.21
N SER B 144 -26.52 8.70 -6.21
CA SER B 144 -27.30 9.82 -6.70
C SER B 144 -28.74 9.36 -6.88
N PHE B 145 -29.66 10.31 -6.78
CA PHE B 145 -31.07 9.99 -6.95
C PHE B 145 -31.82 11.24 -7.37
N GLY B 146 -33.04 11.03 -7.87
CA GLY B 146 -33.86 12.17 -8.31
C GLY B 146 -33.13 13.11 -9.23
N GLY B 147 -32.28 12.57 -10.10
CA GLY B 147 -31.38 13.41 -10.87
C GLY B 147 -30.18 13.81 -10.04
N ALA B 148 -30.04 15.10 -9.75
CA ALA B 148 -28.82 15.65 -9.15
C ALA B 148 -28.95 15.83 -7.64
N ASN B 149 -29.55 14.86 -6.94
CA ASN B 149 -29.43 14.77 -5.50
C ASN B 149 -28.31 13.78 -5.23
N LEU B 150 -27.26 14.24 -4.54
CA LEU B 150 -26.02 13.48 -4.37
C LEU B 150 -25.78 13.18 -2.90
N ARG B 151 -25.18 12.03 -2.62
CA ARG B 151 -24.79 11.64 -1.27
C ARG B 151 -23.37 11.10 -1.33
N VAL B 152 -22.47 11.65 -0.52
CA VAL B 152 -21.09 11.19 -0.45
C VAL B 152 -20.84 10.63 0.94
N TYR B 153 -20.25 9.44 0.99
CA TYR B 153 -20.02 8.71 2.23
C TYR B 153 -18.53 8.59 2.50
N TYR B 154 -18.14 8.81 3.74
CA TYR B 154 -16.73 8.84 4.10
C TYR B 154 -16.60 8.48 5.57
N GLN B 155 -15.35 8.29 6.00
CA GLN B 155 -15.06 8.04 7.41
C GLN B 155 -14.58 9.33 8.06
N GLY B 156 -15.32 9.79 9.06
CA GLY B 156 -14.95 11.00 9.77
C GLY B 156 -13.74 10.78 10.67
N THR B 157 -13.22 11.88 11.20
CA THR B 157 -12.01 11.78 11.99
C THR B 157 -12.19 10.98 13.28
N ASN B 158 -13.44 10.77 13.72
CA ASN B 158 -13.69 9.89 14.86
C ASN B 158 -14.05 8.47 14.44
N ASN B 159 -13.80 8.12 13.18
CA ASN B 159 -13.93 6.79 12.58
C ASN B 159 -15.39 6.35 12.33
N LYS B 160 -16.39 7.17 12.66
CA LYS B 160 -17.75 6.86 12.24
C LYS B 160 -17.92 7.10 10.74
N LEU B 161 -18.85 6.38 10.11
CA LEU B 161 -19.23 6.70 8.74
C LEU B 161 -20.14 7.92 8.72
N GLU B 162 -19.87 8.83 7.78
CA GLU B 162 -20.52 10.12 7.71
C GLU B 162 -21.03 10.34 6.30
N GLU B 163 -22.03 11.23 6.19
CA GLU B 163 -22.68 11.53 4.92
C GLU B 163 -22.63 13.03 4.65
N TYR B 164 -22.34 13.39 3.40
CA TYR B 164 -22.51 14.76 2.92
C TYR B 164 -23.55 14.77 1.82
N THR B 165 -24.39 15.82 1.78
CA THR B 165 -25.56 15.84 0.91
C THR B 165 -25.54 17.05 -0.01
N PHE B 166 -26.16 16.89 -1.20
CA PHE B 166 -26.33 17.92 -2.21
C PHE B 166 -27.69 17.73 -2.87
N GLY B 167 -28.40 18.82 -3.12
CA GLY B 167 -29.60 18.75 -3.95
C GLY B 167 -30.68 19.70 -3.49
N GLY B 168 -31.70 19.85 -4.34
CA GLY B 168 -32.82 20.73 -4.03
C GLY B 168 -32.44 22.17 -3.74
N GLY B 169 -31.39 22.68 -4.39
CA GLY B 169 -30.98 24.05 -4.20
C GLY B 169 -30.32 24.36 -2.87
N GLN B 170 -30.04 23.35 -2.05
CA GLN B 170 -29.46 23.57 -0.73
C GLN B 170 -27.94 23.69 -0.73
N GLY B 171 -27.27 23.32 -1.82
CA GLY B 171 -25.82 23.23 -1.78
C GLY B 171 -25.36 22.02 -0.99
N TRP B 172 -24.04 21.92 -0.79
CA TRP B 172 -23.47 20.83 -0.02
C TRP B 172 -23.65 21.10 1.48
N LYS B 173 -24.18 20.11 2.20
CA LYS B 173 -24.42 20.24 3.63
C LYS B 173 -24.08 18.93 4.31
N LYS B 174 -23.67 19.00 5.56
CA LYS B 174 -23.44 17.78 6.34
C LYS B 174 -24.75 17.00 6.45
N GLY B 175 -24.66 15.69 6.22
CA GLY B 175 -25.83 14.84 6.35
C GLY B 175 -25.79 13.98 7.61
N ALA B 176 -26.22 12.72 7.50
CA ALA B 176 -26.34 11.85 8.66
C ALA B 176 -24.98 11.35 9.14
N THR B 177 -24.92 11.04 10.43
CA THR B 177 -23.87 10.19 10.98
C THR B 177 -24.44 8.76 11.03
N LEU B 178 -23.78 7.83 10.38
CA LEU B 178 -24.38 6.51 10.21
C LEU B 178 -24.17 5.65 11.47
N PRO B 179 -25.06 4.67 11.70
CA PRO B 179 -24.88 3.80 12.88
C PRO B 179 -23.76 2.79 12.67
N GLY B 180 -23.42 1.99 13.68
CA GLY B 180 -22.38 1.00 13.53
C GLY B 180 -21.01 1.50 13.94
N ASP B 181 -20.08 0.55 14.03
CA ASP B 181 -18.72 0.78 14.55
CA ASP B 181 -18.73 0.77 14.56
C ASP B 181 -17.73 0.39 13.46
N PRO B 182 -17.41 1.31 12.55
CA PRO B 182 -16.57 0.94 11.40
C PRO B 182 -15.12 0.78 11.75
N LEU B 183 -14.49 -0.22 11.15
CA LEU B 183 -13.05 -0.36 11.24
C LEU B 183 -12.37 0.89 10.70
N PRO B 184 -11.41 1.48 11.40
CA PRO B 184 -10.66 2.60 10.82
C PRO B 184 -10.02 2.18 9.51
N GLY B 185 -10.29 2.96 8.46
CA GLY B 185 -9.78 2.64 7.14
C GLY B 185 -10.59 1.63 6.35
N THR B 186 -11.74 1.21 6.83
CA THR B 186 -12.55 0.24 6.10
C THR B 186 -12.84 0.72 4.69
N TYR B 187 -12.80 -0.20 3.75
CA TYR B 187 -13.40 0.05 2.45
C TYR B 187 -14.90 0.21 2.61
N ILE B 188 -15.50 1.02 1.75
CA ILE B 188 -16.93 1.26 1.80
C ILE B 188 -17.47 1.31 0.38
N SER B 189 -18.71 0.88 0.23
CA SER B 189 -19.34 0.89 -1.10
C SER B 189 -20.83 1.07 -0.90
N PHE B 190 -21.39 2.10 -1.52
CA PHE B 190 -22.80 2.45 -1.35
C PHE B 190 -23.51 2.37 -2.70
N VAL B 191 -24.74 1.86 -2.71
CA VAL B 191 -25.53 1.73 -3.92
C VAL B 191 -26.94 2.25 -3.66
N ASN B 192 -27.61 2.60 -4.76
CA ASN B 192 -29.01 3.00 -4.76
C ASN B 192 -29.83 1.95 -5.49
N ARG B 193 -30.73 1.26 -4.76
CA ARG B 193 -31.56 0.23 -5.38
C ARG B 193 -32.65 0.80 -6.28
N ASN B 194 -32.98 2.08 -6.17
CA ASN B 194 -34.01 2.69 -7.01
C ASN B 194 -33.36 3.39 -8.20
N LYS B 195 -34.19 3.74 -9.19
CA LYS B 195 -33.71 4.28 -10.45
C LYS B 195 -33.11 5.68 -10.27
N TRP B 196 -32.20 6.04 -11.20
CA TRP B 196 -31.43 7.29 -11.04
C TRP B 196 -32.33 8.50 -10.92
N ASP B 197 -33.52 8.48 -11.55
CA ASP B 197 -34.40 9.63 -11.52
C ASP B 197 -35.52 9.49 -10.50
N ALA B 198 -35.45 8.51 -9.62
CA ALA B 198 -36.50 8.26 -8.64
C ALA B 198 -36.17 8.92 -7.31
N ASN B 199 -37.21 9.30 -6.58
CA ASN B 199 -37.06 9.98 -5.30
C ASN B 199 -38.24 9.55 -4.44
N PRO B 200 -38.01 8.94 -3.25
CA PRO B 200 -36.76 8.72 -2.52
C PRO B 200 -35.93 7.55 -3.06
N PRO B 201 -34.65 7.51 -2.67
CA PRO B 201 -33.79 6.39 -3.05
C PRO B 201 -34.00 5.22 -2.10
N SER B 202 -33.23 4.17 -2.31
CA SER B 202 -33.23 2.99 -1.43
C SER B 202 -31.76 2.61 -1.31
N ILE B 203 -31.12 3.02 -0.20
CA ILE B 203 -29.66 3.09 -0.14
C ILE B 203 -29.12 1.94 0.71
N ARG B 204 -28.05 1.32 0.24
CA ARG B 204 -27.34 0.29 0.98
C ARG B 204 -25.85 0.60 0.91
N GLY B 205 -25.18 0.47 2.04
CA GLY B 205 -23.73 0.60 2.08
C GLY B 205 -23.13 -0.60 2.76
N TYR B 206 -21.91 -0.94 2.34
CA TYR B 206 -21.22 -2.13 2.83
C TYR B 206 -19.86 -1.71 3.37
N PHE B 207 -19.48 -2.26 4.51
CA PHE B 207 -18.26 -1.82 5.20
C PHE B 207 -17.84 -2.92 6.17
N GLN B 208 -16.64 -2.74 6.73
CA GLN B 208 -16.09 -3.67 7.72
C GLN B 208 -16.10 -3.02 9.10
N THR B 209 -16.53 -3.76 10.12
CA THR B 209 -16.66 -3.25 11.47
C THR B 209 -15.37 -3.46 12.25
N VAL B 210 -15.33 -2.90 13.46
CA VAL B 210 -14.16 -3.05 14.31
C VAL B 210 -13.93 -4.49 14.76
N THR B 211 -14.91 -5.38 14.59
CA THR B 211 -14.68 -6.79 14.92
C THR B 211 -14.11 -7.58 13.77
N GLY B 212 -14.05 -7.01 12.57
CA GLY B 212 -13.64 -7.72 11.39
C GLY B 212 -14.80 -8.21 10.53
N SER B 213 -16.01 -8.21 11.07
CA SER B 213 -17.17 -8.64 10.30
CA SER B 213 -17.16 -8.64 10.29
C SER B 213 -17.50 -7.61 9.21
N LEU B 214 -18.27 -8.06 8.21
CA LEU B 214 -18.79 -7.13 7.23
C LEU B 214 -20.24 -6.82 7.57
N ALA B 215 -20.64 -5.58 7.35
CA ALA B 215 -21.93 -5.10 7.80
C ALA B 215 -22.55 -4.23 6.71
N GLU B 216 -23.83 -3.90 6.90
CA GLU B 216 -24.62 -3.19 5.91
C GLU B 216 -25.34 -2.01 6.55
N GLN B 217 -25.24 -0.84 5.91
CA GLN B 217 -26.06 0.32 6.21
C GLN B 217 -27.30 0.32 5.32
N VAL B 218 -28.44 0.66 5.90
CA VAL B 218 -29.71 0.72 5.18
C VAL B 218 -30.33 2.10 5.38
N TRP B 219 -30.68 2.76 4.28
CA TRP B 219 -31.59 3.90 4.35
C TRP B 219 -32.85 3.61 3.55
N GLU B 220 -33.98 3.74 4.22
CA GLU B 220 -35.30 3.83 3.62
C GLU B 220 -35.99 4.97 4.32
N THR B 221 -37.12 5.42 3.78
CA THR B 221 -37.92 6.40 4.49
C THR B 221 -38.11 5.93 5.93
N GLY B 222 -37.74 6.79 6.88
CA GLY B 222 -37.69 6.44 8.28
C GLY B 222 -36.31 6.52 8.89
N GLY B 223 -35.24 6.53 8.09
CA GLY B 223 -33.91 6.77 8.60
C GLY B 223 -32.95 5.61 8.38
N TRP B 224 -31.74 5.78 8.91
CA TRP B 224 -30.66 4.82 8.76
C TRP B 224 -30.74 3.69 9.78
N ARG B 225 -30.44 2.46 9.33
CA ARG B 225 -30.47 1.27 10.16
C ARG B 225 -29.35 0.34 9.74
N ILE B 226 -28.88 -0.48 10.67
CA ILE B 226 -27.95 -1.54 10.31
C ILE B 226 -28.75 -2.68 9.68
N GLY B 227 -28.28 -3.19 8.53
CA GLY B 227 -29.04 -4.13 7.74
C GLY B 227 -28.82 -5.60 8.13
N GLN B 228 -29.55 -6.46 7.42
CA GLN B 228 -29.46 -7.90 7.69
C GLN B 228 -28.19 -8.54 7.12
N PHE B 229 -27.49 -7.88 6.21
CA PHE B 229 -26.29 -8.47 5.61
C PHE B 229 -25.17 -8.52 6.66
N VAL B 230 -24.75 -9.74 7.02
CA VAL B 230 -23.70 -9.94 8.01
C VAL B 230 -22.77 -11.03 7.51
N ILE B 231 -21.48 -10.72 7.38
CA ILE B 231 -20.45 -11.72 7.17
C ILE B 231 -19.60 -11.77 8.43
N PRO B 232 -19.60 -12.88 9.19
CA PRO B 232 -18.99 -12.83 10.54
C PRO B 232 -17.50 -12.54 10.52
N ALA B 233 -16.78 -12.95 9.49
CA ALA B 233 -15.33 -12.75 9.49
C ALA B 233 -14.88 -12.51 8.06
N ALA B 234 -13.91 -11.61 7.91
CA ALA B 234 -13.34 -11.28 6.61
C ALA B 234 -11.89 -10.86 6.85
N PRO B 235 -11.05 -10.87 5.81
CA PRO B 235 -9.67 -10.44 6.01
C PRO B 235 -9.60 -8.99 6.46
N PHE B 236 -8.54 -8.67 7.20
CA PHE B 236 -8.34 -7.32 7.71
C PHE B 236 -8.26 -6.33 6.55
N LEU B 237 -9.10 -5.30 6.61
CA LEU B 237 -9.15 -4.28 5.56
C LEU B 237 -9.33 -4.90 4.18
N THR B 238 -10.22 -5.87 4.08
CA THR B 238 -10.51 -6.44 2.76
C THR B 238 -11.16 -5.39 1.86
N PRO B 239 -10.73 -5.29 0.60
CA PRO B 239 -11.45 -4.47 -0.37
C PRO B 239 -12.90 -4.92 -0.50
N ILE B 240 -13.79 -3.95 -0.68
CA ILE B 240 -15.22 -4.18 -0.80
C ILE B 240 -15.75 -3.33 -1.94
N SER B 241 -16.61 -3.90 -2.79
CA SER B 241 -17.31 -3.09 -3.79
C SER B 241 -18.66 -3.72 -4.11
N ALA B 242 -19.68 -2.88 -4.21
CA ALA B 242 -21.03 -3.37 -4.48
C ALA B 242 -21.62 -2.62 -5.65
N THR B 243 -22.57 -3.26 -6.33
CA THR B 243 -23.27 -2.66 -7.47
C THR B 243 -24.67 -3.25 -7.49
N VAL B 244 -25.63 -2.48 -8.01
CA VAL B 244 -27.02 -2.94 -8.09
C VAL B 244 -27.58 -2.55 -9.45
N SER B 245 -28.43 -3.41 -10.00
CA SER B 245 -29.19 -3.14 -11.21
CA SER B 245 -29.18 -3.17 -11.23
C SER B 245 -30.42 -4.05 -11.19
N PRO B 246 -31.52 -3.64 -11.84
CA PRO B 246 -32.73 -4.47 -11.79
C PRO B 246 -32.58 -5.74 -12.61
N GLU B 247 -32.93 -6.88 -12.00
CA GLU B 247 -32.99 -8.15 -12.71
C GLU B 247 -34.43 -8.64 -12.66
N LYS B 248 -35.05 -8.76 -13.84
CA LYS B 248 -36.48 -9.06 -13.94
C LYS B 248 -37.29 -8.09 -13.09
N ASP B 249 -36.93 -6.81 -13.16
CA ASP B 249 -37.66 -5.72 -12.52
C ASP B 249 -37.57 -5.75 -10.99
N PHE B 250 -36.51 -6.34 -10.44
CA PHE B 250 -36.26 -6.30 -9.00
C PHE B 250 -34.76 -6.07 -8.79
N PRO B 251 -34.39 -5.16 -7.88
CA PRO B 251 -32.96 -4.84 -7.69
C PRO B 251 -32.15 -6.06 -7.27
N LYS B 252 -31.05 -6.28 -8.00
CA LYS B 252 -30.10 -7.34 -7.69
C LYS B 252 -28.82 -6.69 -7.18
N ILE B 253 -28.57 -6.79 -5.88
CA ILE B 253 -27.35 -6.27 -5.27
C ILE B 253 -26.27 -7.34 -5.38
N HIS B 254 -25.09 -6.95 -5.86
CA HIS B 254 -23.91 -7.79 -5.86
C HIS B 254 -22.89 -7.14 -4.94
N VAL B 255 -22.46 -7.86 -3.91
CA VAL B 255 -21.45 -7.38 -2.99
C VAL B 255 -20.21 -8.25 -3.16
N TYR B 256 -19.07 -7.61 -3.42
CA TYR B 256 -17.80 -8.30 -3.62
C TYR B 256 -16.79 -7.93 -2.55
N TRP B 257 -16.04 -8.92 -2.09
CA TRP B 257 -14.90 -8.69 -1.21
C TRP B 257 -13.88 -9.79 -1.47
N LEU B 258 -12.72 -9.66 -0.82
CA LEU B 258 -11.62 -10.60 -1.03
C LEU B 258 -11.56 -11.62 0.10
N SER B 259 -11.33 -12.87 -0.27
CA SER B 259 -11.14 -13.96 0.67
C SER B 259 -9.74 -13.93 1.26
N VAL B 260 -9.47 -14.88 2.16
CA VAL B 260 -8.15 -14.98 2.75
C VAL B 260 -7.11 -15.41 1.70
N GLU B 261 -7.53 -16.01 0.58
CA GLU B 261 -6.64 -16.31 -0.54
C GLU B 261 -6.60 -15.19 -1.56
N SER B 262 -7.16 -14.03 -1.23
CA SER B 262 -7.31 -12.90 -2.16
C SER B 262 -8.02 -13.31 -3.46
N THR B 263 -9.01 -14.17 -3.33
CA THR B 263 -9.95 -14.41 -4.43
C THR B 263 -11.22 -13.63 -4.16
N ILE B 264 -11.96 -13.35 -5.22
CA ILE B 264 -13.14 -12.49 -5.12
C ILE B 264 -14.34 -13.33 -4.72
N ILE B 265 -14.98 -12.95 -3.61
CA ILE B 265 -16.20 -13.56 -3.10
C ILE B 265 -17.37 -12.67 -3.49
N GLU B 266 -18.48 -13.28 -3.89
CA GLU B 266 -19.68 -12.57 -4.29
C GLU B 266 -20.86 -13.00 -3.44
N SER B 267 -21.59 -12.02 -2.91
CA SER B 267 -22.86 -12.27 -2.24
C SER B 267 -23.94 -11.50 -2.99
N VAL B 268 -25.01 -12.18 -3.36
CA VAL B 268 -26.08 -11.60 -4.18
C VAL B 268 -27.33 -11.44 -3.33
N ASN B 269 -27.95 -10.28 -3.40
CA ASN B 269 -29.28 -10.09 -2.81
C ASN B 269 -30.28 -9.91 -3.93
N TRP B 270 -31.25 -10.81 -3.99
CA TRP B 270 -32.30 -10.74 -5.01
C TRP B 270 -33.41 -11.66 -4.53
N HIS B 271 -34.45 -11.08 -3.93
CA HIS B 271 -35.41 -11.82 -3.11
C HIS B 271 -34.68 -12.63 -2.04
N GLY B 272 -33.92 -11.90 -1.24
CA GLY B 272 -33.15 -12.49 -0.17
C GLY B 272 -31.68 -12.65 -0.55
N TRP B 273 -30.85 -12.84 0.47
CA TRP B 273 -29.42 -12.99 0.26
C TRP B 273 -29.10 -14.43 -0.11
N LYS B 274 -28.17 -14.59 -1.06
CA LYS B 274 -27.69 -15.92 -1.45
C LYS B 274 -26.37 -16.19 -0.77
N ALA B 275 -26.06 -17.48 -0.61
CA ALA B 275 -24.82 -17.87 0.02
C ALA B 275 -23.63 -17.26 -0.71
N PRO B 276 -22.61 -16.78 0.00
CA PRO B 276 -21.43 -16.24 -0.68
C PRO B 276 -20.77 -17.31 -1.52
N LYS B 277 -20.18 -16.89 -2.63
CA LYS B 277 -19.55 -17.80 -3.56
C LYS B 277 -18.32 -17.14 -4.17
N GLN B 278 -17.27 -17.92 -4.33
CA GLN B 278 -16.07 -17.48 -5.02
C GLN B 278 -16.35 -17.42 -6.52
N ILE B 279 -16.12 -16.27 -7.16
CA ILE B 279 -16.48 -16.20 -8.57
C ILE B 279 -15.43 -16.86 -9.46
N ASP B 280 -14.17 -16.91 -9.01
CA ASP B 280 -13.11 -17.69 -9.64
C ASP B 280 -12.02 -17.88 -8.60
N ASN B 281 -11.07 -18.77 -8.88
CA ASN B 281 -10.06 -19.10 -7.88
C ASN B 281 -8.70 -18.48 -8.19
N ILE B 282 -8.68 -17.38 -8.95
CA ILE B 282 -7.45 -16.64 -9.25
C ILE B 282 -7.26 -15.55 -8.20
N SER B 283 -6.08 -15.54 -7.58
CA SER B 283 -5.76 -14.56 -6.55
C SER B 283 -5.38 -13.23 -7.19
N VAL B 284 -6.14 -12.17 -6.87
CA VAL B 284 -5.81 -10.83 -7.34
C VAL B 284 -4.88 -10.19 -6.32
N VAL B 285 -4.33 -9.02 -6.64
CA VAL B 285 -3.59 -8.25 -5.65
C VAL B 285 -4.57 -7.73 -4.61
N LYS B 286 -4.26 -7.94 -3.33
CA LYS B 286 -5.13 -7.46 -2.27
C LYS B 286 -5.09 -5.94 -2.28
N ALA B 287 -6.09 -5.35 -2.90
CA ALA B 287 -6.13 -3.92 -3.21
C ALA B 287 -7.52 -3.62 -3.76
N ASP B 288 -7.82 -2.34 -3.89
CA ASP B 288 -9.16 -1.88 -4.24
C ASP B 288 -9.70 -2.58 -5.49
N ILE B 289 -11.00 -2.90 -5.44
CA ILE B 289 -11.72 -3.37 -6.62
C ILE B 289 -12.90 -2.41 -6.82
N SER B 290 -13.46 -2.45 -8.03
CA SER B 290 -14.59 -1.59 -8.35
C SER B 290 -15.55 -2.37 -9.24
N ALA B 291 -16.81 -2.49 -8.82
CA ALA B 291 -17.81 -3.22 -9.57
C ALA B 291 -18.85 -2.26 -10.15
N THR B 292 -19.38 -2.61 -11.32
CA THR B 292 -20.44 -1.83 -11.94
C THR B 292 -21.34 -2.81 -12.69
N SER B 293 -22.57 -2.38 -12.99
CA SER B 293 -23.51 -3.31 -13.61
C SER B 293 -24.51 -2.53 -14.43
N PHE B 294 -25.18 -3.24 -15.34
CA PHE B 294 -26.30 -2.70 -16.09
C PHE B 294 -27.26 -3.82 -16.45
N THR B 295 -28.47 -3.43 -16.83
CA THR B 295 -29.54 -4.37 -17.15
C THR B 295 -29.75 -4.38 -18.66
N ARG B 296 -29.72 -5.57 -19.25
CA ARG B 296 -29.93 -5.76 -20.68
C ARG B 296 -31.42 -5.69 -21.02
N ASP B 297 -31.72 -5.74 -22.32
CA ASP B 297 -33.09 -5.58 -22.80
C ASP B 297 -34.00 -6.69 -22.31
N ASP B 298 -33.48 -7.90 -22.13
CA ASP B 298 -34.28 -9.02 -21.66
C ASP B 298 -34.33 -9.12 -20.14
N GLY B 299 -33.82 -8.12 -19.43
CA GLY B 299 -33.92 -8.07 -17.98
C GLY B 299 -32.84 -8.79 -17.22
N THR B 300 -31.78 -9.25 -17.88
CA THR B 300 -30.64 -9.86 -17.21
C THR B 300 -29.59 -8.79 -16.92
N VAL B 301 -28.79 -9.04 -15.87
CA VAL B 301 -27.84 -8.05 -15.36
C VAL B 301 -26.43 -8.49 -15.71
N ASP B 302 -25.70 -7.62 -16.40
CA ASP B 302 -24.27 -7.76 -16.61
C ASP B 302 -23.50 -7.10 -15.47
N VAL B 303 -22.34 -7.67 -15.13
CA VAL B 303 -21.44 -7.11 -14.11
C VAL B 303 -20.05 -7.00 -14.71
N ARG B 304 -19.35 -5.91 -14.38
CA ARG B 304 -17.91 -5.80 -14.62
C ARG B 304 -17.23 -5.51 -13.29
N ILE B 305 -16.08 -6.13 -13.05
CA ILE B 305 -15.24 -5.80 -11.90
C ILE B 305 -13.86 -5.41 -12.41
N TYR B 306 -13.36 -4.28 -11.91
CA TYR B 306 -12.01 -3.79 -12.19
C TYR B 306 -11.18 -3.86 -10.92
N GLY B 307 -9.87 -4.03 -11.09
CA GLY B 307 -8.97 -4.13 -9.94
C GLY B 307 -7.57 -4.43 -10.43
N THR B 308 -6.71 -4.86 -9.49
CA THR B 308 -5.31 -5.17 -9.78
C THR B 308 -5.10 -6.67 -9.78
N ALA B 309 -4.58 -7.21 -10.86
CA ALA B 309 -4.16 -8.61 -10.93
C ALA B 309 -2.64 -8.69 -10.90
N GLN B 310 -2.13 -9.89 -10.63
CA GLN B 310 -0.68 -10.10 -10.67
C GLN B 310 -0.14 -9.80 -12.07
N LEU B 311 1.01 -9.12 -12.13
CA LEU B 311 1.73 -8.61 -10.98
C LEU B 311 1.27 -7.21 -10.61
N ASN B 312 1.01 -6.37 -11.63
CA ASN B 312 0.35 -5.07 -11.41
C ASN B 312 -0.33 -4.74 -12.75
N VAL B 313 -1.50 -5.34 -12.96
CA VAL B 313 -2.22 -5.17 -14.21
CA VAL B 313 -2.24 -5.26 -14.20
C VAL B 313 -3.67 -4.84 -13.89
N LEU B 314 -4.22 -3.91 -14.67
CA LEU B 314 -5.61 -3.50 -14.50
C LEU B 314 -6.50 -4.58 -15.13
N PHE B 315 -7.19 -5.37 -14.31
CA PHE B 315 -8.03 -6.43 -14.85
C PHE B 315 -9.46 -5.95 -15.04
N GLU B 316 -10.17 -6.65 -15.94
CA GLU B 316 -11.61 -6.52 -16.09
C GLU B 316 -12.21 -7.92 -16.10
N ARG B 317 -12.96 -8.26 -15.06
CA ARG B 317 -13.72 -9.50 -15.03
C ARG B 317 -15.13 -9.23 -15.52
N ILE B 318 -15.69 -10.16 -16.27
CA ILE B 318 -16.92 -9.93 -17.01
C ILE B 318 -17.94 -11.00 -16.66
N PHE B 319 -19.10 -10.57 -16.17
CA PHE B 319 -20.27 -11.43 -15.99
C PHE B 319 -21.27 -11.01 -17.07
N ARG B 320 -21.52 -11.91 -18.01
CA ARG B 320 -22.28 -11.60 -19.20
C ARG B 320 -23.05 -12.85 -19.60
N TYR B 321 -24.34 -12.66 -19.90
CA TYR B 321 -25.24 -13.77 -20.26
C TYR B 321 -25.17 -14.87 -19.21
N GLY B 322 -25.11 -14.47 -17.93
CA GLY B 322 -25.23 -15.40 -16.84
C GLY B 322 -24.00 -16.20 -16.46
N VAL B 323 -22.81 -15.84 -16.94
CA VAL B 323 -21.60 -16.57 -16.59
C VAL B 323 -20.43 -15.61 -16.44
N TRP B 324 -19.54 -15.92 -15.50
CA TRP B 324 -18.25 -15.23 -15.42
C TRP B 324 -17.35 -15.76 -16.52
N GLU B 325 -16.89 -14.87 -17.39
CA GLU B 325 -16.07 -15.30 -18.51
C GLU B 325 -14.68 -15.70 -18.02
N GLU B 326 -14.22 -16.87 -18.45
CA GLU B 326 -12.93 -17.37 -18.01
C GLU B 326 -11.79 -16.50 -18.53
N LYS B 327 -11.98 -15.84 -19.65
CA LYS B 327 -10.98 -14.92 -20.18
C LYS B 327 -11.08 -13.61 -19.43
N ILE B 328 -10.07 -13.30 -18.62
CA ILE B 328 -10.06 -12.07 -17.86
C ILE B 328 -9.29 -11.02 -18.65
N HIS B 329 -9.96 -9.90 -18.95
CA HIS B 329 -9.33 -8.89 -19.78
C HIS B 329 -8.31 -8.11 -18.97
N SER B 330 -7.38 -7.47 -19.67
CA SER B 330 -6.45 -6.53 -19.08
C SER B 330 -6.47 -5.25 -19.90
N ILE B 331 -6.31 -4.11 -19.23
CA ILE B 331 -6.32 -2.81 -19.87
C ILE B 331 -4.95 -2.19 -19.66
N SER B 332 -4.19 -2.04 -20.73
CA SER B 332 -2.87 -1.46 -20.59
C SER B 332 -2.97 0.04 -20.34
N VAL B 333 -2.23 0.54 -19.34
CA VAL B 333 -2.24 1.95 -19.01
C VAL B 333 -0.85 2.56 -19.10
N GLY B 334 0.09 1.88 -19.76
CA GLY B 334 1.43 2.41 -19.90
C GLY B 334 2.42 1.29 -20.13
N LYS B 335 3.68 1.61 -19.82
CA LYS B 335 4.79 0.69 -20.03
C LYS B 335 4.68 -0.51 -19.11
N GLU B 336 5.13 -1.67 -19.61
CA GLU B 336 4.97 -2.93 -18.91
C GLU B 336 6.21 -3.77 -19.11
N ILE B 337 6.48 -4.64 -18.14
CA ILE B 337 7.58 -5.61 -18.22
CA ILE B 337 7.54 -5.62 -18.34
C ILE B 337 7.03 -7.00 -17.93
N PRO B 338 7.38 -8.04 -18.70
CA PRO B 338 6.99 -9.39 -18.31
C PRO B 338 8.00 -9.97 -17.34
N ILE B 339 7.50 -10.73 -16.36
CA ILE B 339 8.36 -11.33 -15.34
C ILE B 339 7.94 -12.78 -15.12
N GLU B 340 8.92 -13.67 -15.03
CA GLU B 340 8.65 -15.07 -14.70
C GLU B 340 8.22 -15.19 -13.25
N VAL B 341 7.18 -16.00 -13.01
CA VAL B 341 6.64 -16.23 -11.68
C VAL B 341 6.76 -17.72 -11.39
N VAL B 342 7.32 -18.07 -10.23
CA VAL B 342 7.47 -19.47 -9.81
C VAL B 342 6.73 -19.69 -8.50
N GLY B 343 6.00 -20.81 -8.43
CA GLY B 343 5.27 -21.15 -7.22
C GLY B 343 6.19 -21.81 -6.21
N VAL B 344 6.21 -21.27 -5.00
CA VAL B 344 7.10 -21.75 -3.92
C VAL B 344 6.24 -22.17 -2.74
N ALA B 345 6.57 -23.32 -2.14
CA ALA B 345 5.87 -23.79 -0.95
C ALA B 345 6.62 -23.35 0.30
N ALA B 346 5.96 -23.49 1.44
CA ALA B 346 6.58 -23.16 2.73
C ALA B 346 7.67 -24.16 3.09
#